data_5TT4
#
_entry.id   5TT4
#
_cell.length_a   90.033
_cell.length_b   90.033
_cell.length_c   304.689
_cell.angle_alpha   90.00
_cell.angle_beta   90.00
_cell.angle_gamma   120.00
#
_symmetry.space_group_name_H-M   'P 65 2 2'
#
loop_
_entity.id
_entity.type
_entity.pdbx_description
1 polymer 'Daunorubicin-doxorubicin polyketide synthase'
2 water water
#
_entity_poly.entity_id   1
_entity_poly.type   'polypeptide(L)'
_entity_poly.pdbx_seq_one_letter_code
;MGSSHHHHHHSSGLVPRGSHMSVPQGAPGDLYVAGCGVWLPPPVTTEQALAAGHCDRRLASSTRMLSVAVADKETPAEMA
ALAAQTALDRSGVAPAHVDLVLHASLYFQGHHLWAPSSYVQRVAVGNRCPAMEVRQVSNGGMAALELARAYLLAAPDRVA
ALITTGDRMHPPGFDRWSSDPGTVYADGGTALVLSRQGGFARLRSLVTVSEPVLEGMHRGGHPFGPPSPEEQRAVDLDAH
KRAYVAEAGSSFSVARVSAGQEEALTGALEAAGAGLDDISRVVLPHMGWRRLSAAYFNKWHIQPERTTWEFGRRTGHLGG
GDPIAGFDHLVGSGRLAPGELCLLVSVGAGFSWSCAVVELLERPSWAAAPAAR
;
_entity_poly.pdbx_strand_id   A,B
#
# COMPACT_ATOMS: atom_id res chain seq x y z
N GLY A 29 -18.03 15.79 9.61
CA GLY A 29 -17.61 16.25 10.92
C GLY A 29 -16.22 15.76 11.24
N ASP A 30 -15.94 15.60 12.52
CA ASP A 30 -14.66 15.11 12.92
C ASP A 30 -14.79 13.63 13.09
N LEU A 31 -13.65 13.00 13.23
CA LEU A 31 -13.62 11.59 13.31
C LEU A 31 -13.26 11.28 14.69
N TYR A 32 -13.47 10.05 15.05
CA TYR A 32 -13.17 9.58 16.40
C TYR A 32 -12.25 8.38 16.31
N VAL A 33 -11.50 8.13 17.38
CA VAL A 33 -10.88 6.83 17.54
C VAL A 33 -11.86 6.02 18.36
N ALA A 34 -12.31 4.89 17.82
CA ALA A 34 -13.35 4.11 18.50
C ALA A 34 -12.74 2.97 19.28
N GLY A 35 -11.59 2.48 18.80
CA GLY A 35 -10.89 1.38 19.44
C GLY A 35 -9.46 1.26 18.93
N CYS A 36 -8.61 0.63 19.72
CA CYS A 36 -7.24 0.39 19.31
C CYS A 36 -6.77 -0.83 20.07
N GLY A 37 -5.63 -1.36 19.67
CA GLY A 37 -5.06 -2.51 20.36
C GLY A 37 -3.74 -2.88 19.75
N VAL A 38 -3.03 -3.76 20.43
CA VAL A 38 -1.75 -4.23 19.93
C VAL A 38 -1.63 -5.73 20.20
N TRP A 39 -0.74 -6.37 19.45
CA TRP A 39 -0.27 -7.69 19.84
C TRP A 39 1.24 -7.71 19.76
N LEU A 40 1.88 -7.82 20.92
CA LEU A 40 3.34 -7.80 21.00
C LEU A 40 3.88 -9.14 21.49
N PRO A 41 4.78 -9.76 20.70
CA PRO A 41 5.47 -10.99 21.11
C PRO A 41 6.41 -10.75 22.32
N PRO A 42 6.88 -11.83 22.97
CA PRO A 42 7.67 -11.66 24.19
C PRO A 42 8.94 -10.86 23.98
N PRO A 43 9.34 -10.08 24.98
CA PRO A 43 10.51 -9.21 24.85
C PRO A 43 11.83 -9.98 24.95
N VAL A 44 12.80 -9.54 24.16
CA VAL A 44 14.18 -9.98 24.28
C VAL A 44 14.93 -8.77 24.84
N THR A 45 15.58 -8.94 25.99
CA THR A 45 16.27 -7.83 26.66
C THR A 45 17.57 -7.47 25.97
N THR A 46 18.08 -6.27 26.26
CA THR A 46 19.34 -5.84 25.67
C THR A 46 20.49 -6.71 26.19
N GLU A 47 20.39 -7.12 27.46
CA GLU A 47 21.32 -8.08 28.06
C GLU A 47 21.47 -9.31 27.18
N GLN A 48 20.33 -9.94 26.86
CA GLN A 48 20.32 -11.10 25.97
C GLN A 48 21.00 -10.79 24.64
N ALA A 49 20.63 -9.66 24.04
CA ALA A 49 21.19 -9.27 22.74
C ALA A 49 22.70 -9.04 22.83
N LEU A 50 23.14 -8.45 23.94
CA LEU A 50 24.57 -8.24 24.16
C LEU A 50 25.27 -9.59 24.26
N ALA A 51 24.70 -10.48 25.07
CA ALA A 51 25.25 -11.84 25.22
C ALA A 51 25.25 -12.65 23.91
N ALA A 52 24.29 -12.38 23.03
CA ALA A 52 24.18 -13.14 21.79
C ALA A 52 25.05 -12.56 20.68
N GLY A 53 25.64 -11.39 20.93
CA GLY A 53 26.47 -10.74 19.93
C GLY A 53 25.66 -9.91 18.95
N HIS A 54 24.37 -9.74 19.23
CA HIS A 54 23.48 -9.03 18.31
C HIS A 54 23.66 -7.53 18.47
N CYS A 55 24.23 -7.16 19.61
CA CYS A 55 24.24 -5.78 20.03
C CYS A 55 25.61 -5.52 20.66
N ASP A 56 26.25 -4.38 20.37
CA ASP A 56 27.45 -4.04 21.14
C ASP A 56 27.18 -2.99 22.22
N ARG A 57 28.13 -2.79 23.09
CA ARG A 57 27.96 -1.89 24.20
C ARG A 57 27.76 -0.49 23.81
N ARG A 58 28.44 -0.11 22.78
CA ARG A 58 28.33 1.26 22.26
C ARG A 58 26.89 1.50 21.85
N LEU A 59 26.33 0.58 21.08
CA LEU A 59 24.96 0.72 20.57
C LEU A 59 23.94 0.65 21.70
N ALA A 60 24.17 -0.25 22.65
CA ALA A 60 23.26 -0.40 23.78
C ALA A 60 23.20 0.89 24.57
N SER A 61 24.34 1.57 24.69
CA SER A 61 24.41 2.79 25.48
C SER A 61 23.79 3.98 24.74
N SER A 62 24.02 4.08 23.44
CA SER A 62 23.54 5.24 22.67
C SER A 62 22.02 5.21 22.48
N THR A 63 21.46 4.02 22.26
CA THR A 63 20.03 3.90 22.07
C THR A 63 19.29 3.84 23.40
N ARG A 64 19.98 3.34 24.43
CA ARG A 64 19.37 3.12 25.75
C ARG A 64 18.13 2.21 25.69
N MET A 65 18.07 1.34 24.69
CA MET A 65 17.00 0.32 24.63
C MET A 65 17.11 -0.68 25.77
N LEU A 66 15.96 -1.07 26.33
CA LEU A 66 15.89 -2.10 27.37
C LEU A 66 15.51 -3.47 26.80
N SER A 67 14.56 -3.48 25.87
CA SER A 67 14.14 -4.72 25.23
C SER A 67 13.33 -4.46 23.96
N VAL A 68 13.04 -5.53 23.23
CA VAL A 68 12.38 -5.42 21.94
C VAL A 68 11.50 -6.65 21.77
N ALA A 69 10.24 -6.42 21.36
CA ALA A 69 9.32 -7.54 21.11
C ALA A 69 9.81 -8.36 19.92
N VAL A 70 10.02 -9.65 20.14
CA VAL A 70 10.51 -10.53 19.09
C VAL A 70 9.58 -11.70 18.88
N ALA A 71 9.11 -11.88 17.65
CA ALA A 71 8.19 -12.97 17.34
C ALA A 71 8.93 -14.28 17.15
N ASP A 72 8.27 -15.38 17.48
CA ASP A 72 8.87 -16.68 17.26
C ASP A 72 8.36 -17.46 16.06
N LYS A 73 7.05 -17.68 16.02
CA LYS A 73 6.42 -18.45 14.95
C LYS A 73 5.51 -17.49 14.19
N GLU A 74 5.16 -16.37 14.80
CA GLU A 74 4.12 -15.49 14.25
C GLU A 74 4.57 -14.65 13.03
N THR A 75 3.70 -14.57 12.02
CA THR A 75 4.00 -13.81 10.80
C THR A 75 3.27 -12.46 10.88
N PRO A 76 3.69 -11.46 10.07
CA PRO A 76 3.15 -10.09 10.19
C PRO A 76 1.62 -9.96 10.08
N ALA A 77 0.98 -10.68 9.18
CA ALA A 77 -0.46 -10.53 9.05
C ALA A 77 -1.17 -11.10 10.28
N GLU A 78 -0.69 -12.24 10.75
CA GLU A 78 -1.23 -12.88 11.94
C GLU A 78 -1.25 -11.97 13.18
N MET A 79 -0.13 -11.29 13.44
CA MET A 79 -0.06 -10.36 14.57
C MET A 79 -0.93 -9.15 14.32
N ALA A 80 -1.00 -8.72 13.07
CA ALA A 80 -1.86 -7.59 12.72
C ALA A 80 -3.32 -7.93 13.03
N ALA A 81 -3.76 -9.11 12.60
CA ALA A 81 -5.15 -9.52 12.83
C ALA A 81 -5.45 -9.74 14.30
N LEU A 82 -4.45 -10.17 15.05
CA LEU A 82 -4.65 -10.38 16.49
C LEU A 82 -4.91 -9.03 17.14
N ALA A 83 -4.09 -8.04 16.80
CA ALA A 83 -4.30 -6.67 17.28
C ALA A 83 -5.65 -6.12 16.81
N ALA A 84 -6.03 -6.40 15.56
CA ALA A 84 -7.31 -5.95 15.03
C ALA A 84 -8.48 -6.49 15.86
N GLN A 85 -8.44 -7.77 16.22
CA GLN A 85 -9.49 -8.35 17.07
C GLN A 85 -9.65 -7.56 18.38
N THR A 86 -8.53 -7.35 19.06
CA THR A 86 -8.57 -6.58 20.30
C THR A 86 -9.21 -5.20 20.08
N ALA A 87 -8.84 -4.54 18.99
CA ALA A 87 -9.32 -3.20 18.72
C ALA A 87 -10.82 -3.16 18.41
N LEU A 88 -11.26 -4.09 17.56
CA LEU A 88 -12.67 -4.14 17.17
C LEU A 88 -13.57 -4.51 18.36
N ASP A 89 -13.16 -5.54 19.11
CA ASP A 89 -13.88 -5.89 20.33
C ASP A 89 -14.03 -4.68 21.26
N ARG A 90 -12.93 -3.97 21.49
CA ARG A 90 -12.97 -2.77 22.33
C ARG A 90 -13.89 -1.69 21.74
N SER A 91 -13.80 -1.46 20.44
CA SER A 91 -14.61 -0.42 19.78
C SER A 91 -16.12 -0.68 19.85
N GLY A 92 -16.51 -1.95 19.98
CA GLY A 92 -17.93 -2.31 19.97
C GLY A 92 -18.61 -2.13 18.62
N VAL A 93 -17.83 -1.84 17.58
CA VAL A 93 -18.35 -1.62 16.23
C VAL A 93 -18.65 -2.93 15.50
N ALA A 94 -19.83 -3.01 14.91
CA ALA A 94 -20.22 -4.19 14.14
C ALA A 94 -19.38 -4.27 12.86
N PRO A 95 -18.93 -5.48 12.50
CA PRO A 95 -18.18 -5.73 11.26
C PRO A 95 -18.83 -5.08 10.04
N ALA A 96 -20.16 -5.09 9.98
CA ALA A 96 -20.88 -4.49 8.87
C ALA A 96 -20.65 -2.98 8.78
N HIS A 97 -20.22 -2.37 9.88
CA HIS A 97 -19.95 -0.94 9.91
C HIS A 97 -18.47 -0.62 9.57
N VAL A 98 -17.70 -1.65 9.26
CA VAL A 98 -16.31 -1.43 8.85
C VAL A 98 -16.27 -1.34 7.33
N ASP A 99 -16.15 -0.11 6.80
CA ASP A 99 -16.30 0.13 5.36
C ASP A 99 -14.96 0.04 4.62
N LEU A 100 -13.88 -0.06 5.39
CA LEU A 100 -12.54 -0.13 4.80
C LEU A 100 -11.57 -0.83 5.74
N VAL A 101 -10.71 -1.66 5.18
CA VAL A 101 -9.65 -2.30 5.95
C VAL A 101 -8.31 -1.98 5.30
N LEU A 102 -7.42 -1.30 6.05
CA LEU A 102 -6.11 -0.90 5.52
C LEU A 102 -4.98 -1.50 6.37
N HIS A 103 -4.14 -2.33 5.74
CA HIS A 103 -2.98 -2.92 6.41
C HIS A 103 -1.66 -2.26 5.99
N ALA A 104 -0.92 -1.70 6.95
CA ALA A 104 0.37 -1.08 6.63
C ALA A 104 1.52 -1.92 7.16
N SER A 105 2.66 -1.86 6.45
CA SER A 105 3.86 -2.56 6.86
C SER A 105 5.05 -2.00 6.08
N LEU A 106 6.26 -2.24 6.57
CA LEU A 106 7.46 -1.76 5.88
C LEU A 106 8.42 -2.86 5.45
N TYR A 107 8.08 -4.13 5.75
CA TYR A 107 8.96 -5.23 5.37
C TYR A 107 8.16 -6.41 4.85
N PHE A 108 8.86 -7.44 4.35
CA PHE A 108 8.24 -8.60 3.71
C PHE A 108 7.13 -9.26 4.53
N GLN A 109 6.03 -9.57 3.85
CA GLN A 109 4.84 -10.02 4.57
C GLN A 109 4.76 -11.53 4.66
N GLY A 110 5.68 -12.21 3.98
CA GLY A 110 5.83 -13.65 4.16
C GLY A 110 5.54 -14.43 2.90
N HIS A 111 4.64 -13.89 2.08
CA HIS A 111 4.29 -14.53 0.82
C HIS A 111 4.09 -13.51 -0.29
N HIS A 112 4.70 -13.76 -1.45
CA HIS A 112 4.54 -12.87 -2.60
C HIS A 112 3.22 -13.18 -3.30
N LEU A 113 2.62 -12.17 -3.96
CA LEU A 113 1.37 -12.36 -4.72
C LEU A 113 0.23 -12.93 -3.85
N TRP A 114 0.23 -12.53 -2.59
CA TRP A 114 -0.78 -12.93 -1.62
C TRP A 114 -1.26 -11.68 -0.88
N ALA A 115 -2.51 -11.67 -0.42
CA ALA A 115 -3.08 -10.43 0.14
C ALA A 115 -3.23 -10.46 1.66
N PRO A 116 -2.22 -9.94 2.38
CA PRO A 116 -2.25 -9.91 3.84
C PRO A 116 -3.46 -9.15 4.37
N SER A 117 -3.91 -8.11 3.66
CA SER A 117 -5.13 -7.40 4.08
C SER A 117 -6.35 -8.30 4.08
N SER A 118 -6.37 -9.24 3.13
CA SER A 118 -7.50 -10.15 3.07
C SER A 118 -7.42 -11.11 4.26
N TYR A 119 -6.21 -11.52 4.61
CA TYR A 119 -6.02 -12.35 5.79
C TYR A 119 -6.55 -11.61 7.01
N VAL A 120 -6.18 -10.34 7.13
CA VAL A 120 -6.64 -9.55 8.25
C VAL A 120 -8.17 -9.45 8.27
N GLN A 121 -8.75 -9.16 7.10
CA GLN A 121 -10.19 -9.03 6.99
C GLN A 121 -10.85 -10.35 7.38
N ARG A 122 -10.39 -11.43 6.75
CA ARG A 122 -10.95 -12.74 7.07
C ARG A 122 -10.90 -13.09 8.57
N VAL A 123 -9.74 -12.94 9.18
CA VAL A 123 -9.56 -13.43 10.54
C VAL A 123 -10.19 -12.47 11.55
N ALA A 124 -9.98 -11.17 11.35
CA ALA A 124 -10.40 -10.18 12.33
C ALA A 124 -11.77 -9.51 12.13
N VAL A 125 -12.24 -9.38 10.89
CA VAL A 125 -13.47 -8.61 10.66
C VAL A 125 -14.63 -9.47 10.21
N GLY A 126 -14.38 -10.33 9.22
CA GLY A 126 -15.40 -11.24 8.71
C GLY A 126 -16.39 -10.58 7.75
N ASN A 127 -16.07 -9.36 7.30
CA ASN A 127 -16.92 -8.63 6.36
C ASN A 127 -16.31 -8.54 4.96
N ARG A 128 -16.94 -7.77 4.08
CA ARG A 128 -16.56 -7.78 2.67
C ARG A 128 -16.19 -6.46 2.02
N CYS A 129 -15.93 -5.45 2.83
CA CYS A 129 -15.51 -4.16 2.30
C CYS A 129 -14.13 -4.28 1.64
N PRO A 130 -13.73 -3.27 0.84
CA PRO A 130 -12.39 -3.35 0.27
C PRO A 130 -11.31 -3.49 1.33
N ALA A 131 -10.36 -4.40 1.11
CA ALA A 131 -9.23 -4.56 2.00
C ALA A 131 -7.92 -4.43 1.22
N MET A 132 -7.04 -3.52 1.64
CA MET A 132 -5.81 -3.30 0.89
C MET A 132 -4.63 -2.81 1.73
N GLU A 133 -3.43 -2.92 1.15
CA GLU A 133 -2.23 -2.49 1.81
C GLU A 133 -1.94 -1.03 1.50
N VAL A 134 -1.42 -0.33 2.50
CA VAL A 134 -0.89 1.01 2.31
C VAL A 134 0.51 0.96 2.91
N ARG A 135 1.49 1.44 2.16
CA ARG A 135 2.86 1.50 2.69
C ARG A 135 3.39 2.90 2.55
N GLN A 136 4.12 3.36 3.56
CA GLN A 136 4.92 4.59 3.47
C GLN A 136 6.06 4.44 4.48
N VAL A 137 6.70 3.27 4.40
CA VAL A 137 7.71 2.83 5.38
C VAL A 137 7.26 3.11 6.83
N SER A 138 8.11 3.74 7.64
CA SER A 138 7.77 3.90 9.05
C SER A 138 6.62 4.87 9.30
N ASN A 139 6.16 5.59 8.28
CA ASN A 139 4.97 6.43 8.46
C ASN A 139 3.69 5.74 7.95
N GLY A 140 3.74 4.42 7.73
CA GLY A 140 2.62 3.66 7.18
C GLY A 140 1.29 3.78 7.91
N GLY A 141 1.33 3.65 9.24
CA GLY A 141 0.13 3.79 10.05
C GLY A 141 -0.57 5.11 9.82
N MET A 142 0.18 6.19 9.84
CA MET A 142 -0.45 7.51 9.66
C MET A 142 -0.88 7.73 8.21
N ALA A 143 -0.10 7.22 7.27
CA ALA A 143 -0.47 7.26 5.86
C ALA A 143 -1.82 6.59 5.68
N ALA A 144 -1.98 5.42 6.31
CA ALA A 144 -3.22 4.67 6.19
C ALA A 144 -4.34 5.48 6.85
N LEU A 145 -3.99 6.16 7.93
CA LEU A 145 -4.96 6.98 8.65
C LEU A 145 -5.51 8.08 7.76
N GLU A 146 -4.63 8.69 6.96
CA GLU A 146 -5.04 9.71 6.00
C GLU A 146 -6.02 9.17 4.97
N LEU A 147 -5.66 8.05 4.34
CA LEU A 147 -6.53 7.48 3.33
C LEU A 147 -7.85 7.04 3.95
N ALA A 148 -7.80 6.45 5.14
CA ALA A 148 -9.03 6.02 5.82
C ALA A 148 -9.94 7.22 6.15
N ARG A 149 -9.35 8.31 6.62
CA ARG A 149 -10.11 9.55 6.86
C ARG A 149 -10.81 10.02 5.59
N ALA A 150 -10.05 10.11 4.50
CA ALA A 150 -10.62 10.52 3.23
C ALA A 150 -11.80 9.62 2.87
N TYR A 151 -11.56 8.32 2.95
CA TYR A 151 -12.56 7.35 2.51
C TYR A 151 -13.86 7.50 3.28
N LEU A 152 -13.76 7.68 4.61
CA LEU A 152 -14.95 7.82 5.45
C LEU A 152 -15.70 9.11 5.15
N LEU A 153 -14.97 10.17 4.83
CA LEU A 153 -15.56 11.47 4.56
C LEU A 153 -16.18 11.55 3.16
N ALA A 154 -15.72 10.69 2.25
CA ALA A 154 -16.15 10.75 0.85
C ALA A 154 -17.63 10.42 0.61
N ALA A 155 -18.22 9.54 1.43
CA ALA A 155 -19.62 9.17 1.30
C ALA A 155 -20.28 9.30 2.66
N PRO A 156 -21.49 9.90 2.70
CA PRO A 156 -22.23 10.29 3.91
C PRO A 156 -22.65 9.15 4.83
N ASP A 157 -22.69 7.92 4.32
CA ASP A 157 -23.21 6.81 5.12
C ASP A 157 -22.13 5.89 5.67
N ARG A 158 -20.87 6.09 5.27
CA ARG A 158 -19.77 5.29 5.79
C ARG A 158 -19.54 5.55 7.28
N VAL A 159 -19.19 4.50 8.02
CA VAL A 159 -19.14 4.56 9.49
C VAL A 159 -17.71 4.43 10.04
N ALA A 160 -17.09 3.28 9.77
CA ALA A 160 -15.79 3.00 10.36
C ALA A 160 -14.76 2.46 9.37
N ALA A 161 -13.50 2.60 9.75
CA ALA A 161 -12.37 2.05 8.98
C ALA A 161 -11.44 1.37 9.96
N LEU A 162 -10.85 0.24 9.53
CA LEU A 162 -9.89 -0.47 10.36
C LEU A 162 -8.47 -0.33 9.79
N ILE A 163 -7.55 0.14 10.62
CA ILE A 163 -6.16 0.27 10.18
C ILE A 163 -5.28 -0.65 11.01
N THR A 164 -4.55 -1.55 10.36
CA THR A 164 -3.63 -2.44 11.07
C THR A 164 -2.21 -2.26 10.58
N THR A 165 -1.25 -2.69 11.39
CA THR A 165 0.15 -2.76 10.95
C THR A 165 0.72 -4.06 11.47
N GLY A 166 1.74 -4.57 10.80
CA GLY A 166 2.38 -5.81 11.22
C GLY A 166 3.70 -6.00 10.50
N ASP A 167 4.69 -6.51 11.21
CA ASP A 167 6.01 -6.76 10.63
C ASP A 167 6.81 -7.77 11.44
N ARG A 168 7.69 -8.48 10.76
CA ARG A 168 8.55 -9.48 11.39
C ARG A 168 9.97 -9.31 10.83
N MET A 169 10.88 -8.82 11.67
CA MET A 169 12.19 -8.33 11.21
C MET A 169 13.21 -9.34 11.72
N HIS A 170 13.42 -10.41 10.96
CA HIS A 170 14.27 -11.49 11.40
C HIS A 170 15.47 -11.59 10.45
N PRO A 171 16.58 -12.17 10.93
CA PRO A 171 17.66 -12.60 10.04
C PRO A 171 17.09 -13.62 9.07
N PRO A 172 17.74 -13.81 7.92
CA PRO A 172 19.05 -13.24 7.58
C PRO A 172 18.93 -11.96 6.76
N GLY A 173 17.72 -11.59 6.35
CA GLY A 173 17.57 -10.40 5.52
C GLY A 173 17.66 -9.09 6.29
N PHE A 174 17.35 -9.14 7.59
CA PHE A 174 17.32 -7.93 8.40
C PHE A 174 18.03 -8.13 9.73
N ASP A 175 18.72 -7.09 10.20
CA ASP A 175 19.29 -7.08 11.54
C ASP A 175 18.61 -5.98 12.34
N ARG A 176 17.72 -6.36 13.24
CA ARG A 176 16.90 -5.41 13.99
C ARG A 176 17.74 -4.42 14.81
N TRP A 177 18.99 -4.79 15.09
CA TRP A 177 19.88 -3.92 15.86
C TRP A 177 20.80 -3.07 14.98
N SER A 178 21.17 -3.56 13.80
CA SER A 178 22.21 -2.84 13.07
C SER A 178 21.95 -2.53 11.58
N SER A 179 20.82 -2.98 11.04
CA SER A 179 20.43 -2.56 9.68
C SER A 179 20.25 -1.05 9.59
N ASP A 180 19.89 -0.45 10.72
CA ASP A 180 19.56 0.97 10.82
C ASP A 180 19.97 1.42 12.22
N PRO A 181 21.29 1.51 12.47
CA PRO A 181 21.82 1.74 13.81
C PRO A 181 21.25 3.02 14.41
N GLY A 182 20.72 2.91 15.62
CA GLY A 182 20.09 4.05 16.27
C GLY A 182 18.64 3.73 16.56
N THR A 183 18.06 2.85 15.74
CA THR A 183 16.70 2.40 15.96
C THR A 183 16.73 0.89 16.04
N VAL A 184 15.97 0.32 16.98
CA VAL A 184 15.89 -1.13 17.10
C VAL A 184 14.49 -1.61 16.73
N TYR A 185 14.42 -2.42 15.67
CA TYR A 185 13.15 -2.82 15.09
C TYR A 185 12.48 -3.97 15.85
N ALA A 186 11.17 -3.86 16.03
CA ALA A 186 10.41 -4.89 16.73
C ALA A 186 9.52 -5.69 15.76
N ASP A 187 9.12 -6.87 16.21
CA ASP A 187 8.01 -7.60 15.61
C ASP A 187 6.74 -7.26 16.40
N GLY A 188 5.58 -7.33 15.76
CA GLY A 188 4.35 -7.01 16.44
C GLY A 188 3.31 -6.43 15.49
N GLY A 189 2.07 -6.38 15.97
CA GLY A 189 0.98 -5.78 15.21
C GLY A 189 0.24 -4.73 16.02
N THR A 190 -0.33 -3.76 15.33
CA THR A 190 -1.11 -2.73 15.97
C THR A 190 -2.36 -2.54 15.14
N ALA A 191 -3.37 -1.91 15.74
CA ALA A 191 -4.63 -1.70 15.05
C ALA A 191 -5.37 -0.52 15.65
N LEU A 192 -6.16 0.14 14.83
CA LEU A 192 -6.94 1.27 15.28
C LEU A 192 -8.22 1.31 14.47
N VAL A 193 -9.32 1.61 15.14
CA VAL A 193 -10.60 1.70 14.47
C VAL A 193 -11.01 3.15 14.47
N LEU A 194 -11.15 3.70 13.26
CA LEU A 194 -11.54 5.10 13.10
C LEU A 194 -13.04 5.15 12.80
N SER A 195 -13.75 6.12 13.36
CA SER A 195 -15.19 6.20 13.15
C SER A 195 -15.75 7.61 13.00
N ARG A 196 -16.81 7.72 12.18
CA ARG A 196 -17.52 8.98 12.01
C ARG A 196 -18.62 9.12 13.03
N GLN A 197 -19.01 8.01 13.65
CA GLN A 197 -20.16 7.99 14.52
C GLN A 197 -19.78 8.41 15.93
N GLY A 198 -18.67 7.88 16.42
CA GLY A 198 -18.20 8.23 17.76
C GLY A 198 -17.14 7.29 18.27
N GLY A 199 -16.69 7.55 19.48
CA GLY A 199 -15.62 6.80 20.12
C GLY A 199 -15.17 7.56 21.35
N PHE A 200 -14.07 7.12 21.96
CA PHE A 200 -13.62 7.70 23.23
C PHE A 200 -12.63 8.86 23.04
N ALA A 201 -12.14 9.05 21.81
CA ALA A 201 -11.20 10.12 21.52
C ALA A 201 -11.56 10.79 20.21
N ARG A 202 -11.28 12.07 20.09
CA ARG A 202 -11.53 12.75 18.86
C ARG A 202 -10.27 13.13 18.15
N LEU A 203 -10.26 12.91 16.84
CA LEU A 203 -9.14 13.31 15.99
C LEU A 203 -9.28 14.80 15.67
N ARG A 204 -8.49 15.64 16.33
CA ARG A 204 -8.63 17.08 16.14
C ARG A 204 -7.85 17.58 14.92
N SER A 205 -6.79 16.89 14.55
CA SER A 205 -6.03 17.29 13.38
C SER A 205 -5.14 16.15 12.92
N LEU A 206 -4.88 16.10 11.61
CA LEU A 206 -3.97 15.11 11.03
C LEU A 206 -3.33 15.77 9.81
N VAL A 207 -2.01 15.83 9.80
CA VAL A 207 -1.28 16.59 8.81
C VAL A 207 -0.11 15.77 8.30
N THR A 208 0.06 15.70 6.98
CA THR A 208 1.13 14.89 6.40
C THR A 208 2.00 15.74 5.47
N VAL A 209 3.31 15.55 5.59
CA VAL A 209 4.30 16.36 4.91
C VAL A 209 5.20 15.44 4.09
N SER A 210 5.53 15.85 2.88
CA SER A 210 6.32 15.01 1.97
C SER A 210 7.58 15.75 1.51
N GLU A 211 8.72 15.05 1.49
CA GLU A 211 9.97 15.60 0.98
C GLU A 211 10.68 14.56 0.14
N PRO A 212 10.20 14.38 -1.10
CA PRO A 212 10.67 13.26 -1.94
C PRO A 212 12.13 13.40 -2.39
N VAL A 213 12.73 14.58 -2.20
CA VAL A 213 14.14 14.79 -2.55
C VAL A 213 15.05 13.87 -1.71
N LEU A 214 14.49 13.36 -0.62
CA LEU A 214 15.24 12.54 0.31
C LEU A 214 15.11 11.05 0.02
N GLU A 215 14.31 10.68 -0.98
CA GLU A 215 14.04 9.25 -1.24
C GLU A 215 15.31 8.43 -1.46
N GLY A 216 16.33 9.05 -2.07
CA GLY A 216 17.57 8.36 -2.40
C GLY A 216 18.36 7.89 -1.19
N MET A 217 18.09 8.49 -0.04
CA MET A 217 18.84 8.20 1.18
C MET A 217 18.71 6.73 1.61
N HIS A 218 17.66 6.04 1.15
CA HIS A 218 17.40 4.65 1.55
C HIS A 218 17.48 3.61 0.43
N ARG A 219 18.16 3.93 -0.67
CA ARG A 219 18.36 2.94 -1.71
C ARG A 219 19.76 3.09 -2.33
N GLY A 220 20.19 2.07 -3.06
CA GLY A 220 21.39 2.19 -3.87
C GLY A 220 21.04 2.90 -5.17
N GLY A 221 22.04 3.15 -6.00
CA GLY A 221 21.85 3.98 -7.18
C GLY A 221 22.23 5.42 -6.87
N HIS A 222 22.28 6.27 -7.88
CA HIS A 222 22.55 7.69 -7.65
C HIS A 222 21.34 8.34 -6.98
N PRO A 223 21.60 9.12 -5.92
CA PRO A 223 20.54 9.79 -5.14
C PRO A 223 19.57 10.59 -6.02
N PHE A 224 20.02 11.03 -7.19
CA PHE A 224 19.12 11.80 -8.05
C PHE A 224 19.07 11.19 -9.43
N GLY A 225 19.39 9.91 -9.48
CA GLY A 225 19.30 9.13 -10.70
C GLY A 225 18.33 7.99 -10.45
N PRO A 226 18.30 7.01 -11.37
CA PRO A 226 17.41 5.86 -11.19
C PRO A 226 17.94 4.97 -10.06
N PRO A 227 17.08 4.14 -9.46
CA PRO A 227 17.52 3.19 -8.44
C PRO A 227 18.42 2.10 -9.04
N SER A 228 19.37 1.60 -8.26
CA SER A 228 20.24 0.53 -8.75
C SER A 228 19.47 -0.78 -8.89
N PRO A 229 19.79 -1.54 -9.95
CA PRO A 229 19.08 -2.80 -10.20
C PRO A 229 19.56 -3.86 -9.21
N GLU A 230 20.74 -3.61 -8.64
CA GLU A 230 21.35 -4.51 -7.67
C GLU A 230 20.65 -4.37 -6.32
N GLU A 231 20.18 -5.50 -5.80
CA GLU A 231 19.16 -5.52 -4.74
C GLU A 231 19.57 -5.49 -3.25
N GLN A 232 20.78 -5.96 -2.93
CA GLN A 232 21.27 -6.12 -1.55
C GLN A 232 20.48 -7.08 -0.66
N ARG A 233 21.01 -8.27 -0.44
CA ARG A 233 20.31 -9.33 0.28
C ARG A 233 20.19 -9.02 1.77
N ALA A 234 21.14 -8.25 2.28
CA ALA A 234 21.11 -7.83 3.68
C ALA A 234 20.91 -6.33 3.71
N VAL A 235 19.83 -5.89 4.34
CA VAL A 235 19.54 -4.46 4.46
C VAL A 235 20.61 -3.71 5.26
N ASP A 236 21.13 -2.63 4.67
CA ASP A 236 22.10 -1.77 5.36
C ASP A 236 21.89 -0.30 5.01
N LEU A 237 20.90 0.31 5.67
CA LEU A 237 20.51 1.68 5.38
C LEU A 237 21.63 2.69 5.65
N ASP A 238 22.52 2.32 6.56
CA ASP A 238 23.65 3.17 6.89
C ASP A 238 24.55 3.43 5.68
N ALA A 239 24.88 2.39 4.92
CA ALA A 239 25.69 2.57 3.70
C ALA A 239 24.99 3.49 2.71
N HIS A 240 23.68 3.31 2.59
CA HIS A 240 22.86 4.11 1.69
C HIS A 240 22.80 5.57 2.09
N LYS A 241 22.66 5.84 3.38
CA LYS A 241 22.61 7.21 3.87
C LYS A 241 23.93 7.96 3.61
N ARG A 242 25.07 7.27 3.81
CA ARG A 242 26.38 7.87 3.56
C ARG A 242 26.57 8.23 2.08
N ALA A 243 26.19 7.32 1.19
CA ALA A 243 26.29 7.60 -0.23
C ALA A 243 25.42 8.81 -0.56
N TYR A 244 24.23 8.88 0.04
CA TYR A 244 23.34 10.01 -0.20
C TYR A 244 23.96 11.30 0.29
N VAL A 245 24.42 11.28 1.53
CA VAL A 245 24.97 12.49 2.16
C VAL A 245 26.18 13.00 1.40
N ALA A 246 26.99 12.07 0.90
CA ALA A 246 28.19 12.43 0.19
C ALA A 246 27.86 13.17 -1.10
N GLU A 247 26.71 12.86 -1.67
CA GLU A 247 26.29 13.50 -2.92
C GLU A 247 25.48 14.77 -2.68
N ALA A 248 24.51 14.68 -1.78
CA ALA A 248 23.58 15.77 -1.54
C ALA A 248 24.12 16.81 -0.57
N GLY A 249 25.08 16.41 0.26
CA GLY A 249 25.59 17.29 1.29
C GLY A 249 24.96 17.06 2.63
N SER A 250 25.77 17.11 3.69
CA SER A 250 25.28 16.89 5.05
C SER A 250 24.36 18.03 5.51
N SER A 251 24.85 19.26 5.37
CA SER A 251 24.07 20.47 5.68
C SER A 251 22.66 20.43 5.05
N PHE A 252 22.58 20.17 3.74
CA PHE A 252 21.29 20.05 3.06
C PHE A 252 20.39 18.98 3.70
N SER A 253 20.96 17.80 3.92
CA SER A 253 20.21 16.66 4.45
C SER A 253 19.55 16.89 5.81
N VAL A 254 20.33 17.37 6.78
CA VAL A 254 19.81 17.63 8.11
C VAL A 254 18.75 18.73 8.04
N ALA A 255 19.00 19.73 7.21
CA ALA A 255 18.10 20.87 7.09
C ALA A 255 16.72 20.48 6.54
N ARG A 256 16.68 19.67 5.48
CA ARG A 256 15.39 19.22 4.92
C ARG A 256 14.64 18.30 5.87
N VAL A 257 15.36 17.41 6.53
CA VAL A 257 14.71 16.56 7.53
C VAL A 257 14.09 17.39 8.64
N SER A 258 14.81 18.41 9.10
CA SER A 258 14.34 19.27 10.19
C SER A 258 13.11 20.07 9.77
N ALA A 259 13.16 20.59 8.55
CA ALA A 259 12.07 21.38 8.01
C ALA A 259 10.81 20.54 7.92
N GLY A 260 10.92 19.35 7.33
CA GLY A 260 9.78 18.46 7.21
C GLY A 260 9.14 18.18 8.55
N GLN A 261 9.98 17.87 9.55
CA GLN A 261 9.48 17.51 10.89
C GLN A 261 8.76 18.72 11.46
N GLU A 262 9.35 19.89 11.26
CA GLU A 262 8.80 21.14 11.77
C GLU A 262 7.47 21.53 11.12
N GLU A 263 7.33 21.25 9.82
CA GLU A 263 6.08 21.53 9.12
C GLU A 263 4.96 20.63 9.64
N ALA A 264 5.26 19.36 9.86
CA ALA A 264 4.26 18.41 10.32
C ALA A 264 3.76 18.77 11.73
N LEU A 265 4.69 19.04 12.65
CA LEU A 265 4.36 19.49 14.02
C LEU A 265 3.46 20.71 14.03
N THR A 266 4.00 21.80 13.49
CA THR A 266 3.33 23.09 13.48
C THR A 266 1.98 22.99 12.77
N GLY A 267 1.94 22.22 11.69
CA GLY A 267 0.71 22.02 10.94
C GLY A 267 -0.40 21.42 11.80
N ALA A 268 -0.07 20.34 12.50
CA ALA A 268 -1.06 19.61 13.29
C ALA A 268 -1.45 20.42 14.53
N LEU A 269 -0.50 21.15 15.10
CA LEU A 269 -0.82 21.96 16.27
C LEU A 269 -1.77 23.07 15.86
N GLU A 270 -1.41 23.80 14.80
CA GLU A 270 -2.27 24.87 14.29
C GLU A 270 -3.66 24.39 13.88
N ALA A 271 -3.72 23.27 13.15
CA ALA A 271 -4.99 22.72 12.69
C ALA A 271 -5.91 22.35 13.83
N ALA A 272 -5.34 22.13 15.01
CA ALA A 272 -6.13 21.71 16.17
C ALA A 272 -6.36 22.89 17.08
N GLY A 273 -5.78 24.04 16.72
CA GLY A 273 -5.91 25.24 17.53
C GLY A 273 -5.19 25.12 18.86
N ALA A 274 -4.04 24.46 18.86
CA ALA A 274 -3.27 24.22 20.08
C ALA A 274 -1.80 24.58 19.88
N GLY A 275 -1.10 24.81 20.98
CA GLY A 275 0.34 24.91 20.95
C GLY A 275 0.94 23.74 21.69
N LEU A 276 2.27 23.60 21.62
CA LEU A 276 2.96 22.50 22.27
C LEU A 276 2.70 22.45 23.77
N ASP A 277 2.51 23.62 24.40
CA ASP A 277 2.23 23.69 25.84
C ASP A 277 0.87 23.12 26.20
N ASP A 278 -0.02 23.02 25.22
CA ASP A 278 -1.36 22.51 25.46
C ASP A 278 -1.37 20.99 25.43
N ILE A 279 -0.25 20.39 25.03
CA ILE A 279 -0.18 18.93 24.90
C ILE A 279 0.20 18.25 26.22
N SER A 280 -0.60 17.28 26.66
CA SER A 280 -0.32 16.55 27.90
C SER A 280 0.65 15.40 27.67
N ARG A 281 0.47 14.68 26.57
CA ARG A 281 1.32 13.54 26.23
C ARG A 281 1.74 13.59 24.76
N VAL A 282 2.98 13.20 24.48
CA VAL A 282 3.47 13.11 23.11
C VAL A 282 3.85 11.68 22.79
N VAL A 283 3.25 11.11 21.74
CA VAL A 283 3.63 9.78 21.28
C VAL A 283 4.70 9.91 20.21
N LEU A 284 5.94 9.55 20.57
CA LEU A 284 7.07 9.63 19.64
C LEU A 284 7.37 8.28 19.00
N PRO A 285 8.14 8.29 17.88
CA PRO A 285 8.58 6.98 17.38
C PRO A 285 9.45 6.28 18.42
N HIS A 286 9.44 4.96 18.40
CA HIS A 286 10.30 4.20 19.30
C HIS A 286 11.71 4.08 18.69
N MET A 287 12.41 5.22 18.64
CA MET A 287 13.78 5.24 18.18
C MET A 287 14.72 5.16 19.38
N GLY A 288 16.02 5.04 19.14
CA GLY A 288 16.98 5.06 20.24
C GLY A 288 17.11 6.46 20.86
N TRP A 289 17.63 6.49 22.08
CA TRP A 289 17.74 7.72 22.86
C TRP A 289 18.43 8.84 22.10
N ARG A 290 19.55 8.53 21.48
CA ARG A 290 20.30 9.51 20.72
C ARG A 290 19.43 10.22 19.69
N ARG A 291 18.72 9.44 18.87
CA ARG A 291 17.84 10.00 17.84
C ARG A 291 16.70 10.86 18.38
N LEU A 292 15.99 10.36 19.39
CA LEU A 292 14.90 11.11 20.01
C LEU A 292 15.39 12.43 20.57
N SER A 293 16.60 12.41 21.13
CA SER A 293 17.17 13.62 21.72
C SER A 293 17.50 14.67 20.67
N ALA A 294 18.07 14.23 19.56
CA ALA A 294 18.43 15.15 18.47
C ALA A 294 17.17 15.69 17.80
N ALA A 295 16.21 14.80 17.54
CA ALA A 295 15.02 15.19 16.78
C ALA A 295 13.98 15.93 17.65
N TYR A 296 13.85 15.55 18.92
CA TYR A 296 12.75 16.08 19.73
C TYR A 296 13.04 16.69 21.10
N PHE A 297 13.85 16.02 21.93
CA PHE A 297 14.09 16.47 23.30
C PHE A 297 14.92 17.75 23.32
N ASN A 298 16.07 17.75 22.66
CA ASN A 298 16.94 18.93 22.64
C ASN A 298 16.47 19.98 21.64
N LYS A 299 15.39 19.65 20.94
CA LYS A 299 14.90 20.46 19.83
C LYS A 299 13.59 21.14 20.20
N TRP A 300 12.63 20.37 20.69
CA TRP A 300 11.33 20.90 21.09
C TRP A 300 11.32 21.29 22.57
N HIS A 301 12.40 20.97 23.27
CA HIS A 301 12.49 21.17 24.71
C HIS A 301 11.30 20.59 25.47
N ILE A 302 10.82 19.42 25.04
CA ILE A 302 9.78 18.67 25.75
C ILE A 302 10.41 17.60 26.65
N GLN A 303 9.76 17.29 27.78
CA GLN A 303 10.31 16.30 28.69
C GLN A 303 9.98 14.87 28.26
N PRO A 304 11.01 14.00 28.28
CA PRO A 304 10.83 12.57 27.98
C PRO A 304 9.71 11.95 28.82
N GLU A 305 9.53 12.43 30.05
CA GLU A 305 8.49 11.90 30.94
C GLU A 305 7.08 12.12 30.40
N ARG A 306 6.92 13.14 29.57
CA ARG A 306 5.65 13.45 28.92
C ARG A 306 5.44 12.63 27.62
N THR A 307 6.41 11.79 27.27
CA THR A 307 6.35 11.02 26.02
C THR A 307 6.22 9.53 26.27
N THR A 308 6.21 8.76 25.18
CA THR A 308 6.15 7.31 25.30
C THR A 308 7.53 6.66 25.32
N TRP A 309 8.55 7.43 25.70
CA TRP A 309 9.91 6.90 25.74
C TRP A 309 10.07 5.57 26.53
N GLU A 310 9.58 5.52 27.76
CA GLU A 310 9.71 4.32 28.59
C GLU A 310 9.01 3.12 27.97
N PHE A 311 7.86 3.33 27.35
CA PHE A 311 7.13 2.24 26.73
C PHE A 311 7.85 1.75 25.47
N GLY A 312 8.29 2.70 24.64
CA GLY A 312 8.96 2.39 23.39
C GLY A 312 10.30 1.67 23.55
N ARG A 313 11.06 2.05 24.57
CA ARG A 313 12.40 1.49 24.79
C ARG A 313 12.34 0.04 25.31
N ARG A 314 11.12 -0.44 25.59
CA ARG A 314 10.91 -1.81 26.02
C ARG A 314 10.21 -2.58 24.91
N THR A 315 9.67 -1.83 23.96
CA THR A 315 8.88 -2.40 22.88
C THR A 315 9.72 -2.53 21.59
N GLY A 316 10.40 -1.44 21.23
CA GLY A 316 11.14 -1.39 19.99
C GLY A 316 10.28 -0.72 18.93
N HIS A 317 10.84 -0.53 17.74
CA HIS A 317 10.17 0.22 16.69
C HIS A 317 9.27 -0.72 15.87
N LEU A 318 7.96 -0.48 15.88
CA LEU A 318 7.03 -1.40 15.18
C LEU A 318 6.69 -0.98 13.75
N GLY A 319 7.65 -0.39 13.06
CA GLY A 319 7.40 0.10 11.72
C GLY A 319 6.41 1.24 11.77
N GLY A 320 5.31 1.07 11.04
CA GLY A 320 4.33 2.15 10.93
C GLY A 320 3.38 2.20 12.10
N GLY A 321 3.46 1.21 12.99
CA GLY A 321 2.50 1.08 14.07
C GLY A 321 2.86 1.75 15.38
N ASP A 322 4.04 2.39 15.47
CA ASP A 322 4.41 3.07 16.72
C ASP A 322 3.36 4.09 17.24
N PRO A 323 2.80 4.95 16.35
CA PRO A 323 1.84 5.91 16.93
C PRO A 323 0.61 5.21 17.50
N ILE A 324 0.16 4.14 16.85
CA ILE A 324 -0.97 3.39 17.38
C ILE A 324 -0.62 2.73 18.72
N ALA A 325 0.51 2.02 18.77
CA ALA A 325 0.91 1.31 19.99
C ALA A 325 1.17 2.27 21.16
N GLY A 326 1.81 3.40 20.88
CA GLY A 326 2.06 4.40 21.88
C GLY A 326 0.76 4.97 22.42
N PHE A 327 -0.15 5.31 21.51
CA PHE A 327 -1.43 5.84 21.92
C PHE A 327 -2.20 4.81 22.77
N ASP A 328 -2.29 3.58 22.26
CA ASP A 328 -2.89 2.47 22.99
C ASP A 328 -2.30 2.35 24.40
N HIS A 329 -0.99 2.54 24.51
CA HIS A 329 -0.34 2.40 25.81
C HIS A 329 -0.81 3.48 26.78
N LEU A 330 -0.70 4.73 26.34
CA LEU A 330 -1.14 5.87 27.13
C LEU A 330 -2.57 5.76 27.63
N VAL A 331 -3.49 5.43 26.72
CA VAL A 331 -4.89 5.33 27.09
C VAL A 331 -5.13 4.18 28.05
N GLY A 332 -4.54 3.03 27.76
CA GLY A 332 -4.78 1.82 28.52
C GLY A 332 -4.17 1.85 29.90
N SER A 333 -3.16 2.70 30.09
CA SER A 333 -2.49 2.80 31.39
C SER A 333 -3.05 3.96 32.20
N GLY A 334 -4.04 4.65 31.64
CA GLY A 334 -4.69 5.75 32.35
C GLY A 334 -3.87 7.03 32.35
N ARG A 335 -2.78 7.03 31.59
CA ARG A 335 -1.88 8.18 31.60
C ARG A 335 -2.44 9.36 30.80
N LEU A 336 -3.56 9.13 30.14
CA LEU A 336 -4.23 10.22 29.46
C LEU A 336 -5.60 10.38 30.09
N ALA A 337 -5.94 11.62 30.46
CA ALA A 337 -7.21 11.91 31.13
C ALA A 337 -8.15 12.69 30.21
N PRO A 338 -9.46 12.51 30.39
CA PRO A 338 -10.47 13.20 29.57
C PRO A 338 -10.19 14.69 29.38
N GLY A 339 -10.34 15.16 28.15
CA GLY A 339 -10.14 16.56 27.83
C GLY A 339 -8.70 16.89 27.54
N GLU A 340 -7.79 15.97 27.82
CA GLU A 340 -6.38 16.19 27.53
C GLU A 340 -6.05 15.95 26.04
N LEU A 341 -5.04 16.68 25.55
CA LEU A 341 -4.60 16.52 24.18
C LEU A 341 -3.38 15.62 24.10
N CYS A 342 -3.38 14.77 23.09
CA CYS A 342 -2.24 13.91 22.84
C CYS A 342 -1.71 14.18 21.44
N LEU A 343 -0.39 14.33 21.34
CA LEU A 343 0.27 14.55 20.05
C LEU A 343 0.94 13.27 19.55
N LEU A 344 0.55 12.82 18.36
CA LEU A 344 1.17 11.67 17.72
C LEU A 344 2.22 12.13 16.71
N VAL A 345 3.40 11.53 16.78
CA VAL A 345 4.48 11.93 15.92
C VAL A 345 5.03 10.73 15.16
N SER A 346 5.15 10.87 13.85
CA SER A 346 5.59 9.75 13.04
C SER A 346 6.37 10.22 11.81
N VAL A 347 7.32 9.39 11.38
CA VAL A 347 8.19 9.78 10.29
C VAL A 347 8.68 8.51 9.58
N GLY A 348 8.80 8.58 8.26
CA GLY A 348 9.29 7.43 7.50
C GLY A 348 10.24 7.87 6.40
N ALA A 349 11.07 6.93 5.93
CA ALA A 349 11.93 7.20 4.78
C ALA A 349 11.07 7.67 3.62
N GLY A 350 11.64 8.47 2.73
CA GLY A 350 10.84 9.08 1.67
C GLY A 350 11.26 10.49 1.30
N PHE A 351 11.23 11.42 2.25
CA PHE A 351 10.70 11.23 3.60
C PHE A 351 9.22 11.59 3.66
N SER A 352 8.53 11.03 4.66
CA SER A 352 7.18 11.47 4.98
C SER A 352 7.04 11.67 6.49
N TRP A 353 6.28 12.70 6.88
CA TRP A 353 5.99 12.96 8.28
C TRP A 353 4.49 13.12 8.49
N SER A 354 4.00 12.65 9.62
CA SER A 354 2.63 12.95 10.03
C SER A 354 2.56 13.23 11.53
N CYS A 355 1.87 14.31 11.88
CA CYS A 355 1.47 14.53 13.25
C CYS A 355 -0.03 14.62 13.32
N ALA A 356 -0.56 14.32 14.50
CA ALA A 356 -1.98 14.38 14.72
C ALA A 356 -2.18 14.80 16.16
N VAL A 357 -3.23 15.58 16.39
CA VAL A 357 -3.61 15.90 17.75
C VAL A 357 -4.93 15.17 18.04
N VAL A 358 -4.92 14.34 19.10
CA VAL A 358 -6.08 13.57 19.51
C VAL A 358 -6.53 14.01 20.90
N GLU A 359 -7.83 14.26 21.04
CA GLU A 359 -8.39 14.71 22.32
C GLU A 359 -9.12 13.53 23.00
N LEU A 360 -8.68 13.13 24.19
CA LEU A 360 -9.39 12.06 24.89
C LEU A 360 -10.73 12.55 25.41
N LEU A 361 -11.83 11.90 24.99
CA LEU A 361 -13.16 12.34 25.40
C LEU A 361 -13.62 11.64 26.68
N GLU A 362 -13.29 10.35 26.82
CA GLU A 362 -13.63 9.59 28.02
C GLU A 362 -12.68 8.40 28.20
N ARG A 363 -12.44 7.98 29.45
CA ARG A 363 -11.65 6.78 29.67
C ARG A 363 -12.48 5.59 29.25
N PRO A 364 -11.97 4.81 28.29
CA PRO A 364 -12.70 3.61 27.85
C PRO A 364 -12.67 2.53 28.92
N SER A 365 -13.66 1.64 28.90
CA SER A 365 -13.78 0.57 29.89
C SER A 365 -12.56 -0.33 30.04
N TRP A 366 -11.78 -0.51 28.97
CA TRP A 366 -10.63 -1.42 29.04
C TRP A 366 -9.39 -0.80 29.68
N ALA A 367 -9.43 0.50 29.93
CA ALA A 367 -8.30 1.21 30.52
C ALA A 367 -8.18 1.00 32.04
N ALA A 368 -6.99 1.26 32.57
CA ALA A 368 -6.76 1.37 34.01
C ALA A 368 -7.02 2.81 34.49
N ALA A 369 -6.97 3.02 35.80
CA ALA A 369 -7.07 4.38 36.35
C ALA A 369 -5.69 5.00 36.54
N GLY B 29 -20.48 15.12 -8.35
CA GLY B 29 -19.04 14.92 -8.28
C GLY B 29 -18.50 13.91 -9.27
N ASP B 30 -18.68 14.19 -10.57
CA ASP B 30 -18.12 13.33 -11.62
C ASP B 30 -16.61 13.35 -11.56
N LEU B 31 -16.00 12.19 -11.76
CA LEU B 31 -14.54 12.16 -11.89
C LEU B 31 -14.17 11.91 -13.34
N TYR B 32 -13.00 12.37 -13.73
CA TYR B 32 -12.55 12.22 -15.11
C TYR B 32 -11.19 11.55 -15.19
N VAL B 33 -10.89 10.98 -16.36
CA VAL B 33 -9.53 10.58 -16.67
C VAL B 33 -8.92 11.70 -17.50
N ALA B 34 -7.94 12.40 -16.92
CA ALA B 34 -7.33 13.55 -17.60
C ALA B 34 -6.14 13.13 -18.44
N GLY B 35 -5.47 12.04 -18.02
CA GLY B 35 -4.33 11.52 -18.75
C GLY B 35 -4.00 10.11 -18.31
N CYS B 36 -3.27 9.38 -19.15
CA CYS B 36 -2.80 8.05 -18.81
C CYS B 36 -1.61 7.74 -19.69
N GLY B 37 -0.88 6.67 -19.38
CA GLY B 37 0.32 6.36 -20.13
C GLY B 37 0.99 5.10 -19.62
N VAL B 38 1.82 4.50 -20.47
CA VAL B 38 2.56 3.32 -20.07
C VAL B 38 4.02 3.52 -20.43
N TRP B 39 4.89 2.78 -19.75
CA TRP B 39 6.25 2.60 -20.24
C TRP B 39 6.53 1.11 -20.28
N LEU B 40 6.57 0.55 -21.49
CA LEU B 40 6.76 -0.90 -21.66
C LEU B 40 8.12 -1.18 -22.28
N PRO B 41 8.98 -1.94 -21.56
CA PRO B 41 10.28 -2.37 -22.11
C PRO B 41 10.03 -3.28 -23.34
N PRO B 42 11.07 -3.53 -24.16
CA PRO B 42 10.87 -4.29 -25.42
C PRO B 42 10.35 -5.70 -25.19
N PRO B 43 9.52 -6.21 -26.12
CA PRO B 43 8.92 -7.54 -26.02
C PRO B 43 9.90 -8.70 -26.26
N VAL B 44 9.68 -9.82 -25.56
CA VAL B 44 10.33 -11.09 -25.84
C VAL B 44 9.23 -12.04 -26.31
N THR B 45 9.37 -12.56 -27.52
CA THR B 45 8.31 -13.37 -28.12
C THR B 45 8.24 -14.73 -27.46
N THR B 46 7.08 -15.38 -27.57
CA THR B 46 6.93 -16.75 -27.06
C THR B 46 7.96 -17.69 -27.69
N GLU B 47 8.23 -17.51 -28.98
CA GLU B 47 9.19 -18.35 -29.70
C GLU B 47 10.57 -18.25 -29.06
N GLN B 48 10.97 -17.02 -28.71
CA GLN B 48 12.24 -16.81 -28.01
C GLN B 48 12.29 -17.45 -26.62
N ALA B 49 11.22 -17.27 -25.83
CA ALA B 49 11.12 -17.94 -24.54
C ALA B 49 11.25 -19.45 -24.71
N LEU B 50 10.54 -20.01 -25.70
CA LEU B 50 10.62 -21.45 -25.95
C LEU B 50 12.06 -21.86 -26.27
N ALA B 51 12.67 -21.18 -27.23
CA ALA B 51 14.06 -21.44 -27.61
C ALA B 51 15.04 -21.22 -26.45
N ALA B 52 14.77 -20.23 -25.60
CA ALA B 52 15.61 -19.97 -24.43
C ALA B 52 15.32 -20.93 -23.27
N GLY B 53 14.26 -21.71 -23.41
CA GLY B 53 13.90 -22.69 -22.40
C GLY B 53 13.14 -22.16 -21.19
N HIS B 54 12.66 -20.91 -21.26
CA HIS B 54 11.92 -20.33 -20.13
C HIS B 54 10.51 -20.87 -20.07
N CYS B 55 10.09 -21.48 -21.17
CA CYS B 55 8.69 -21.70 -21.46
C CYS B 55 8.59 -23.11 -22.02
N ASP B 56 7.55 -23.87 -21.68
CA ASP B 56 7.34 -25.12 -22.42
C ASP B 56 6.17 -24.99 -23.41
N ARG B 57 6.13 -25.90 -24.38
CA ARG B 57 5.15 -25.85 -25.45
C ARG B 57 3.70 -25.95 -24.96
N ARG B 58 3.47 -26.80 -23.96
CA ARG B 58 2.12 -27.00 -23.43
C ARG B 58 1.57 -25.67 -22.94
N LEU B 59 2.42 -24.91 -22.24
CA LEU B 59 2.01 -23.65 -21.62
C LEU B 59 1.88 -22.52 -22.62
N ALA B 60 2.82 -22.44 -23.54
CA ALA B 60 2.73 -21.54 -24.68
C ALA B 60 1.41 -21.78 -25.42
N SER B 61 1.09 -23.06 -25.59
CA SER B 61 -0.10 -23.45 -26.33
C SER B 61 -1.39 -23.12 -25.57
N SER B 62 -1.42 -23.34 -24.25
CA SER B 62 -2.65 -23.09 -23.51
C SER B 62 -2.86 -21.61 -23.22
N THR B 63 -1.79 -20.85 -23.04
CA THR B 63 -1.92 -19.42 -22.76
C THR B 63 -2.13 -18.63 -24.04
N ARG B 64 -1.58 -19.15 -25.12
CA ARG B 64 -1.58 -18.50 -26.44
C ARG B 64 -0.96 -17.12 -26.43
N MET B 65 -0.03 -16.89 -25.50
CA MET B 65 0.69 -15.61 -25.48
C MET B 65 1.61 -15.50 -26.69
N LEU B 66 1.80 -14.29 -27.18
CA LEU B 66 2.66 -14.05 -28.32
C LEU B 66 4.00 -13.43 -27.90
N SER B 67 3.95 -12.51 -26.93
CA SER B 67 5.15 -11.82 -26.46
C SER B 67 4.88 -11.16 -25.09
N VAL B 68 5.95 -10.82 -24.38
CA VAL B 68 5.80 -10.23 -23.06
C VAL B 68 6.85 -9.12 -22.87
N ALA B 69 6.44 -7.98 -22.31
CA ALA B 69 7.39 -6.89 -22.09
C ALA B 69 8.40 -7.31 -21.03
N VAL B 70 9.68 -7.20 -21.38
CA VAL B 70 10.76 -7.59 -20.48
C VAL B 70 11.81 -6.47 -20.34
N ALA B 71 12.03 -6.02 -19.10
CA ALA B 71 13.03 -5.00 -18.79
C ALA B 71 14.44 -5.60 -18.65
N ASP B 72 15.45 -4.78 -18.93
CA ASP B 72 16.84 -5.15 -18.70
C ASP B 72 17.42 -4.70 -17.36
N LYS B 73 17.42 -3.38 -17.15
CA LYS B 73 18.08 -2.75 -16.01
C LYS B 73 17.09 -1.83 -15.28
N GLU B 74 16.02 -1.45 -15.96
CA GLU B 74 15.01 -0.57 -15.36
C GLU B 74 14.33 -1.26 -14.20
N THR B 75 14.11 -0.49 -13.12
CA THR B 75 13.50 -1.00 -11.89
C THR B 75 12.05 -0.52 -11.82
N PRO B 76 11.22 -1.16 -10.96
CA PRO B 76 9.79 -0.84 -10.94
C PRO B 76 9.45 0.65 -10.76
N ALA B 77 10.08 1.34 -9.82
CA ALA B 77 9.74 2.76 -9.63
C ALA B 77 10.15 3.57 -10.86
N GLU B 78 11.28 3.19 -11.45
CA GLU B 78 11.78 3.90 -12.63
C GLU B 78 10.79 3.85 -13.78
N MET B 79 10.21 2.68 -14.02
CA MET B 79 9.27 2.52 -15.13
C MET B 79 7.95 3.23 -14.83
N ALA B 80 7.47 3.07 -13.60
CA ALA B 80 6.30 3.79 -13.10
C ALA B 80 6.43 5.30 -13.31
N ALA B 81 7.59 5.85 -12.96
CA ALA B 81 7.82 7.29 -13.07
C ALA B 81 7.81 7.73 -14.53
N LEU B 82 8.37 6.89 -15.40
CA LEU B 82 8.39 7.19 -16.84
C LEU B 82 6.97 7.25 -17.40
N ALA B 83 6.15 6.27 -17.02
CA ALA B 83 4.74 6.27 -17.39
C ALA B 83 4.01 7.50 -16.80
N ALA B 84 4.38 7.88 -15.58
CA ALA B 84 3.73 9.01 -14.94
C ALA B 84 4.00 10.30 -15.68
N GLN B 85 5.25 10.51 -16.08
CA GLN B 85 5.61 11.67 -16.88
C GLN B 85 4.72 11.79 -18.11
N THR B 86 4.62 10.69 -18.88
CA THR B 86 3.78 10.68 -20.06
C THR B 86 2.33 11.03 -19.71
N ALA B 87 1.78 10.36 -18.70
CA ALA B 87 0.40 10.64 -18.28
C ALA B 87 0.19 12.10 -17.84
N LEU B 88 1.17 12.65 -17.12
CA LEU B 88 1.09 14.03 -16.66
C LEU B 88 1.20 15.02 -17.81
N ASP B 89 2.12 14.77 -18.74
CA ASP B 89 2.27 15.64 -19.91
C ASP B 89 0.96 15.68 -20.69
N ARG B 90 0.36 14.52 -20.89
CA ARG B 90 -0.88 14.42 -21.66
C ARG B 90 -2.05 15.12 -20.97
N SER B 91 -2.11 14.99 -19.65
CA SER B 91 -3.23 15.53 -18.90
C SER B 91 -3.14 17.05 -18.85
N GLY B 92 -1.92 17.56 -19.05
CA GLY B 92 -1.64 18.97 -18.91
C GLY B 92 -1.89 19.55 -17.53
N VAL B 93 -2.10 18.69 -16.53
CA VAL B 93 -2.38 19.15 -15.16
C VAL B 93 -1.09 19.66 -14.49
N ALA B 94 -1.16 20.79 -13.79
CA ALA B 94 0.00 21.35 -13.09
C ALA B 94 0.34 20.53 -11.85
N PRO B 95 1.65 20.32 -11.57
CA PRO B 95 2.08 19.56 -10.38
C PRO B 95 1.36 20.00 -9.11
N ALA B 96 1.19 21.31 -8.94
CA ALA B 96 0.51 21.85 -7.77
C ALA B 96 -0.95 21.38 -7.66
N HIS B 97 -1.50 20.88 -8.76
CA HIS B 97 -2.87 20.40 -8.74
C HIS B 97 -2.92 18.90 -8.48
N VAL B 98 -1.76 18.27 -8.41
CA VAL B 98 -1.73 16.85 -8.06
C VAL B 98 -1.73 16.77 -6.53
N ASP B 99 -2.85 16.30 -5.97
CA ASP B 99 -3.04 16.33 -4.52
C ASP B 99 -2.73 15.00 -3.83
N LEU B 100 -2.41 13.97 -4.61
CA LEU B 100 -2.11 12.65 -4.05
C LEU B 100 -1.32 11.82 -5.04
N VAL B 101 -0.30 11.12 -4.58
CA VAL B 101 0.42 10.19 -5.45
C VAL B 101 0.29 8.78 -4.87
N LEU B 102 -0.22 7.86 -5.68
CA LEU B 102 -0.41 6.48 -5.22
C LEU B 102 0.28 5.53 -6.18
N HIS B 103 1.22 4.74 -5.65
CA HIS B 103 1.95 3.78 -6.47
C HIS B 103 1.57 2.34 -6.09
N ALA B 104 1.07 1.57 -7.07
CA ALA B 104 0.66 0.19 -6.82
C ALA B 104 1.63 -0.80 -7.45
N SER B 105 1.79 -1.96 -6.81
CA SER B 105 2.71 -2.97 -7.30
C SER B 105 2.36 -4.27 -6.59
N LEU B 106 2.89 -5.39 -7.09
CA LEU B 106 2.61 -6.67 -6.45
C LEU B 106 3.86 -7.49 -6.13
N TYR B 107 5.00 -7.05 -6.65
CA TYR B 107 6.26 -7.74 -6.38
C TYR B 107 7.30 -6.77 -5.76
N PHE B 108 8.44 -7.31 -5.32
CA PHE B 108 9.51 -6.51 -4.71
C PHE B 108 9.94 -5.30 -5.54
N GLN B 109 10.09 -4.15 -4.88
CA GLN B 109 10.34 -2.88 -5.58
C GLN B 109 11.81 -2.55 -5.70
N GLY B 110 12.68 -3.39 -5.15
CA GLY B 110 14.10 -3.22 -5.37
C GLY B 110 14.94 -2.90 -4.14
N HIS B 111 14.32 -2.26 -3.15
CA HIS B 111 15.04 -1.81 -1.95
C HIS B 111 14.12 -1.80 -0.74
N HIS B 112 14.49 -2.58 0.29
CA HIS B 112 13.70 -2.63 1.53
C HIS B 112 13.80 -1.32 2.33
N LEU B 113 12.72 -0.95 3.01
CA LEU B 113 12.68 0.23 3.85
C LEU B 113 12.95 1.51 3.06
N TRP B 114 12.51 1.50 1.80
CA TRP B 114 12.68 2.63 0.87
C TRP B 114 11.30 3.00 0.31
N ALA B 115 11.09 4.28 -0.05
CA ALA B 115 9.76 4.71 -0.50
C ALA B 115 9.67 4.92 -2.01
N PRO B 116 9.21 3.90 -2.75
CA PRO B 116 9.15 4.04 -4.21
C PRO B 116 8.14 5.10 -4.69
N SER B 117 7.07 5.40 -3.96
CA SER B 117 6.20 6.49 -4.43
C SER B 117 6.86 7.87 -4.25
N SER B 118 7.79 7.95 -3.31
CA SER B 118 8.56 9.19 -3.15
C SER B 118 9.50 9.37 -4.36
N TYR B 119 10.02 8.27 -4.90
CA TYR B 119 10.80 8.36 -6.13
C TYR B 119 9.92 8.87 -7.29
N VAL B 120 8.78 8.21 -7.50
CA VAL B 120 7.82 8.61 -8.52
C VAL B 120 7.48 10.09 -8.39
N GLN B 121 7.21 10.52 -7.16
CA GLN B 121 6.87 11.92 -6.89
C GLN B 121 8.03 12.86 -7.23
N ARG B 122 9.23 12.49 -6.80
CA ARG B 122 10.42 13.31 -7.04
C ARG B 122 10.64 13.50 -8.54
N VAL B 123 10.64 12.39 -9.27
CA VAL B 123 10.98 12.38 -10.68
C VAL B 123 9.86 12.79 -11.62
N ALA B 124 8.65 12.28 -11.39
CA ALA B 124 7.56 12.53 -12.33
C ALA B 124 6.74 13.79 -12.05
N VAL B 125 6.65 14.17 -10.77
CA VAL B 125 5.71 15.21 -10.37
C VAL B 125 6.37 16.48 -9.85
N GLY B 126 7.41 16.34 -9.04
CA GLY B 126 8.11 17.49 -8.51
C GLY B 126 7.32 18.29 -7.48
N ASN B 127 6.31 17.68 -6.86
CA ASN B 127 5.52 18.37 -5.83
C ASN B 127 5.59 17.68 -4.46
N ARG B 128 4.78 18.14 -3.51
CA ARG B 128 4.88 17.71 -2.11
C ARG B 128 3.60 17.23 -1.44
N CYS B 129 2.65 16.79 -2.25
CA CYS B 129 1.44 16.15 -1.74
C CYS B 129 1.86 14.82 -1.11
N PRO B 130 0.96 14.18 -0.33
CA PRO B 130 1.25 12.85 0.23
C PRO B 130 1.48 11.80 -0.88
N ALA B 131 2.50 10.96 -0.68
CA ALA B 131 2.83 9.92 -1.66
C ALA B 131 3.04 8.58 -0.94
N MET B 132 2.28 7.56 -1.35
CA MET B 132 2.38 6.27 -0.69
C MET B 132 2.05 5.12 -1.61
N GLU B 133 2.41 3.92 -1.18
CA GLU B 133 2.07 2.71 -1.92
C GLU B 133 0.68 2.25 -1.54
N VAL B 134 -0.02 1.68 -2.53
CA VAL B 134 -1.23 0.93 -2.26
C VAL B 134 -1.02 -0.43 -2.92
N ARG B 135 -1.43 -1.51 -2.26
CA ARG B 135 -1.28 -2.84 -2.82
C ARG B 135 -2.57 -3.64 -2.67
N GLN B 136 -2.91 -4.39 -3.72
CA GLN B 136 -4.02 -5.35 -3.69
C GLN B 136 -3.75 -6.40 -4.79
N VAL B 137 -2.51 -6.89 -4.77
CA VAL B 137 -1.99 -7.81 -5.78
C VAL B 137 -2.40 -7.34 -7.19
N SER B 138 -2.93 -8.22 -8.02
CA SER B 138 -3.27 -7.80 -9.39
C SER B 138 -4.41 -6.80 -9.49
N ASN B 139 -5.06 -6.45 -8.40
CA ASN B 139 -6.11 -5.43 -8.45
C ASN B 139 -5.59 -4.09 -7.89
N GLY B 140 -4.27 -4.03 -7.68
CA GLY B 140 -3.62 -2.85 -7.13
C GLY B 140 -4.04 -1.54 -7.77
N GLY B 141 -4.02 -1.49 -9.10
CA GLY B 141 -4.35 -0.28 -9.83
C GLY B 141 -5.75 0.25 -9.51
N MET B 142 -6.74 -0.63 -9.62
CA MET B 142 -8.11 -0.26 -9.31
C MET B 142 -8.26 0.12 -7.84
N ALA B 143 -7.57 -0.61 -6.96
CA ALA B 143 -7.59 -0.29 -5.52
C ALA B 143 -7.09 1.13 -5.26
N ALA B 144 -5.98 1.51 -5.89
CA ALA B 144 -5.43 2.85 -5.72
C ALA B 144 -6.45 3.85 -6.27
N LEU B 145 -7.10 3.48 -7.36
CA LEU B 145 -8.13 4.32 -7.95
C LEU B 145 -9.26 4.60 -6.94
N GLU B 146 -9.71 3.54 -6.25
CA GLU B 146 -10.73 3.71 -5.19
C GLU B 146 -10.32 4.76 -4.16
N LEU B 147 -9.09 4.65 -3.65
CA LEU B 147 -8.63 5.54 -2.60
C LEU B 147 -8.43 6.93 -3.19
N ALA B 148 -8.05 6.98 -4.47
CA ALA B 148 -7.82 8.28 -5.14
C ALA B 148 -9.14 9.01 -5.31
N ARG B 149 -10.15 8.28 -5.76
CA ARG B 149 -11.49 8.84 -5.86
C ARG B 149 -11.95 9.42 -4.51
N ALA B 150 -11.80 8.63 -3.44
CA ALA B 150 -12.23 9.07 -2.12
C ALA B 150 -11.47 10.31 -1.66
N TYR B 151 -10.16 10.29 -1.84
CA TYR B 151 -9.33 11.41 -1.43
C TYR B 151 -9.76 12.68 -2.15
N LEU B 152 -10.03 12.58 -3.45
CA LEU B 152 -10.45 13.76 -4.22
C LEU B 152 -11.81 14.27 -3.78
N LEU B 153 -12.71 13.34 -3.42
CA LEU B 153 -14.06 13.74 -3.06
C LEU B 153 -14.19 14.18 -1.59
N ALA B 154 -13.12 14.01 -0.81
CA ALA B 154 -13.21 14.25 0.64
C ALA B 154 -13.01 15.72 1.06
N ALA B 155 -12.31 16.47 0.21
CA ALA B 155 -12.13 17.91 0.43
C ALA B 155 -12.47 18.67 -0.86
N PRO B 156 -13.22 19.77 -0.71
CA PRO B 156 -13.83 20.45 -1.87
C PRO B 156 -12.82 21.11 -2.82
N ASP B 157 -11.63 21.43 -2.31
CA ASP B 157 -10.62 22.13 -3.11
C ASP B 157 -9.63 21.19 -3.83
N ARG B 158 -9.85 19.88 -3.74
CA ARG B 158 -8.88 18.96 -4.35
C ARG B 158 -9.17 18.79 -5.83
N VAL B 159 -8.09 18.64 -6.62
CA VAL B 159 -8.22 18.63 -8.07
C VAL B 159 -7.88 17.28 -8.70
N ALA B 160 -6.61 16.90 -8.63
CA ALA B 160 -6.18 15.67 -9.30
C ALA B 160 -5.37 14.70 -8.41
N ALA B 161 -5.29 13.46 -8.86
CA ALA B 161 -4.49 12.45 -8.17
C ALA B 161 -3.74 11.66 -9.22
N LEU B 162 -2.53 11.23 -8.88
CA LEU B 162 -1.77 10.37 -9.77
C LEU B 162 -1.72 8.94 -9.22
N ILE B 163 -2.06 7.99 -10.07
CA ILE B 163 -1.93 6.57 -9.75
C ILE B 163 -0.92 5.94 -10.68
N THR B 164 0.06 5.24 -10.11
CA THR B 164 1.08 4.58 -10.92
C THR B 164 1.18 3.09 -10.55
N THR B 165 1.61 2.27 -11.51
CA THR B 165 1.95 0.90 -11.22
C THR B 165 3.31 0.62 -11.82
N GLY B 166 4.04 -0.31 -11.22
CA GLY B 166 5.33 -0.68 -11.75
C GLY B 166 5.79 -1.98 -11.13
N ASP B 167 6.33 -2.87 -11.96
CA ASP B 167 6.88 -4.13 -11.46
C ASP B 167 7.95 -4.68 -12.39
N ARG B 168 8.83 -5.49 -11.80
CA ARG B 168 9.93 -6.10 -12.52
C ARG B 168 10.03 -7.55 -12.03
N MET B 169 9.60 -8.50 -12.88
CA MET B 169 9.43 -9.89 -12.46
C MET B 169 10.66 -10.62 -12.97
N HIS B 170 11.77 -10.51 -12.25
CA HIS B 170 13.02 -11.12 -12.67
C HIS B 170 13.35 -12.23 -11.67
N PRO B 171 14.19 -13.19 -12.11
CA PRO B 171 14.91 -14.08 -11.18
C PRO B 171 15.68 -13.21 -10.18
N PRO B 172 15.97 -13.73 -8.98
CA PRO B 172 15.80 -15.11 -8.51
C PRO B 172 14.39 -15.46 -8.08
N GLY B 173 13.67 -14.52 -7.47
CA GLY B 173 12.41 -14.84 -6.83
C GLY B 173 11.18 -15.05 -7.70
N PHE B 174 11.25 -14.73 -8.99
CA PHE B 174 10.08 -14.85 -9.85
C PHE B 174 10.35 -15.50 -11.22
N ASP B 175 9.51 -16.46 -11.60
CA ASP B 175 9.53 -16.99 -12.97
C ASP B 175 8.27 -16.55 -13.70
N ARG B 176 8.43 -15.62 -14.64
CA ARG B 176 7.28 -14.95 -15.28
C ARG B 176 6.38 -15.92 -16.03
N TRP B 177 6.89 -17.11 -16.36
CA TRP B 177 6.11 -18.11 -17.08
C TRP B 177 5.49 -19.17 -16.19
N SER B 178 6.18 -19.51 -15.10
CA SER B 178 5.79 -20.69 -14.34
C SER B 178 5.41 -20.47 -12.88
N SER B 179 5.64 -19.28 -12.34
CA SER B 179 5.28 -19.00 -10.93
C SER B 179 3.77 -19.00 -10.70
N ASP B 180 3.02 -18.53 -11.69
CA ASP B 180 1.56 -18.53 -11.66
C ASP B 180 1.10 -19.03 -13.02
N PRO B 181 1.20 -20.35 -13.25
CA PRO B 181 0.96 -20.94 -14.57
C PRO B 181 -0.44 -20.62 -15.07
N GLY B 182 -0.55 -20.11 -16.30
CA GLY B 182 -1.81 -19.68 -16.88
C GLY B 182 -1.78 -18.18 -17.15
N THR B 183 -0.87 -17.49 -16.48
CA THR B 183 -0.68 -16.06 -16.63
C THR B 183 0.81 -15.79 -16.85
N VAL B 184 1.17 -14.97 -17.84
CA VAL B 184 2.58 -14.65 -18.08
C VAL B 184 2.88 -13.21 -17.65
N TYR B 185 3.76 -13.04 -16.67
CA TYR B 185 4.00 -11.72 -16.07
C TYR B 185 4.98 -10.82 -16.85
N ALA B 186 4.60 -9.54 -16.95
CA ALA B 186 5.35 -8.56 -17.75
C ALA B 186 6.02 -7.54 -16.86
N ASP B 187 7.16 -7.01 -17.32
CA ASP B 187 7.75 -5.84 -16.68
C ASP B 187 7.17 -4.57 -17.29
N GLY B 188 7.05 -3.50 -16.49
CA GLY B 188 6.65 -2.22 -17.05
C GLY B 188 5.91 -1.36 -16.07
N GLY B 189 5.61 -0.13 -16.48
CA GLY B 189 4.92 0.80 -15.63
C GLY B 189 3.70 1.36 -16.31
N THR B 190 2.73 1.80 -15.50
CA THR B 190 1.54 2.42 -16.05
C THR B 190 1.21 3.60 -15.14
N ALA B 191 0.38 4.51 -15.62
CA ALA B 191 -0.03 5.66 -14.83
C ALA B 191 -1.34 6.25 -15.33
N LEU B 192 -2.10 6.82 -14.40
CA LEU B 192 -3.34 7.46 -14.74
C LEU B 192 -3.49 8.71 -13.89
N VAL B 193 -4.00 9.76 -14.51
CA VAL B 193 -4.30 10.98 -13.78
C VAL B 193 -5.81 11.07 -13.66
N LEU B 194 -6.28 11.03 -12.41
CA LEU B 194 -7.70 11.16 -12.12
C LEU B 194 -7.95 12.62 -11.75
N SER B 195 -9.08 13.18 -12.17
CA SER B 195 -9.33 14.60 -11.91
C SER B 195 -10.81 14.96 -11.69
N ARG B 196 -11.05 15.93 -10.81
CA ARG B 196 -12.39 16.44 -10.57
C ARG B 196 -12.77 17.56 -11.53
N GLN B 197 -11.77 18.21 -12.11
CA GLN B 197 -12.05 19.34 -12.98
C GLN B 197 -12.44 18.97 -14.42
N GLY B 198 -11.71 18.04 -15.04
CA GLY B 198 -12.03 17.64 -16.40
C GLY B 198 -11.01 16.70 -17.03
N GLY B 199 -11.33 16.21 -18.23
CA GLY B 199 -10.48 15.26 -18.92
C GLY B 199 -11.20 14.67 -20.14
N PHE B 200 -10.55 13.76 -20.85
CA PHE B 200 -11.11 13.24 -22.08
C PHE B 200 -12.13 12.10 -21.86
N ALA B 201 -12.16 11.53 -20.66
CA ALA B 201 -13.11 10.46 -20.35
C ALA B 201 -13.76 10.61 -18.97
N ARG B 202 -14.99 10.12 -18.84
CA ARG B 202 -15.69 10.21 -17.56
C ARG B 202 -15.83 8.85 -16.86
N LEU B 203 -15.39 8.77 -15.62
CA LEU B 203 -15.53 7.56 -14.80
C LEU B 203 -16.98 7.46 -14.37
N ARG B 204 -17.75 6.58 -15.02
CA ARG B 204 -19.19 6.51 -14.78
C ARG B 204 -19.55 5.65 -13.57
N SER B 205 -18.70 4.66 -13.27
CA SER B 205 -18.88 3.82 -12.09
C SER B 205 -17.56 3.16 -11.74
N LEU B 206 -17.42 2.80 -10.47
CA LEU B 206 -16.26 2.04 -10.00
C LEU B 206 -16.67 1.27 -8.75
N VAL B 207 -16.62 -0.05 -8.85
CA VAL B 207 -17.13 -0.92 -7.80
C VAL B 207 -16.04 -1.93 -7.40
N THR B 208 -15.89 -2.16 -6.11
CA THR B 208 -14.91 -3.15 -5.62
C THR B 208 -15.55 -4.17 -4.67
N VAL B 209 -15.18 -5.44 -4.88
CA VAL B 209 -15.78 -6.56 -4.15
C VAL B 209 -14.67 -7.37 -3.48
N SER B 210 -14.91 -7.80 -2.25
CA SER B 210 -13.93 -8.56 -1.46
C SER B 210 -14.47 -9.93 -1.03
N GLU B 211 -13.72 -10.98 -1.30
CA GLU B 211 -14.04 -12.32 -0.78
C GLU B 211 -12.83 -12.89 -0.04
N PRO B 212 -12.59 -12.40 1.19
CA PRO B 212 -11.36 -12.74 1.92
C PRO B 212 -11.27 -14.21 2.34
N VAL B 213 -12.38 -14.94 2.30
CA VAL B 213 -12.37 -16.40 2.56
C VAL B 213 -11.37 -17.14 1.64
N LEU B 214 -11.02 -16.50 0.53
CA LEU B 214 -10.12 -17.05 -0.45
C LEU B 214 -8.64 -16.67 -0.25
N GLU B 215 -8.34 -15.88 0.79
CA GLU B 215 -6.97 -15.39 0.99
C GLU B 215 -5.94 -16.53 1.06
N GLY B 216 -6.33 -17.65 1.67
CA GLY B 216 -5.42 -18.77 1.86
C GLY B 216 -5.01 -19.49 0.60
N MET B 217 -5.66 -19.16 -0.52
CA MET B 217 -5.39 -19.87 -1.76
C MET B 217 -4.00 -19.56 -2.32
N HIS B 218 -3.41 -18.45 -1.86
CA HIS B 218 -2.16 -17.97 -2.46
C HIS B 218 -0.99 -17.98 -1.50
N ARG B 219 -1.07 -18.78 -0.45
CA ARG B 219 -0.02 -18.80 0.57
C ARG B 219 0.14 -20.19 1.15
N GLY B 220 1.23 -20.38 1.89
CA GLY B 220 1.39 -21.60 2.66
C GLY B 220 0.62 -21.51 3.96
N GLY B 221 0.57 -22.62 4.69
CA GLY B 221 -0.14 -22.68 5.95
C GLY B 221 -1.53 -23.20 5.70
N HIS B 222 -2.30 -23.39 6.77
CA HIS B 222 -3.66 -23.85 6.63
C HIS B 222 -4.55 -22.71 6.13
N PRO B 223 -5.39 -23.00 5.12
CA PRO B 223 -6.26 -22.02 4.46
C PRO B 223 -7.17 -21.28 5.43
N PHE B 224 -7.47 -21.89 6.57
CA PHE B 224 -8.30 -21.20 7.55
C PHE B 224 -7.63 -21.09 8.90
N GLY B 225 -6.30 -21.15 8.87
CA GLY B 225 -5.48 -20.91 10.04
C GLY B 225 -4.43 -19.88 9.67
N PRO B 226 -3.40 -19.73 10.51
CA PRO B 226 -2.36 -18.72 10.29
C PRO B 226 -1.38 -19.12 9.18
N PRO B 227 -0.72 -18.14 8.54
CA PRO B 227 0.30 -18.47 7.52
C PRO B 227 1.49 -19.17 8.14
N SER B 228 2.23 -19.93 7.35
CA SER B 228 3.51 -20.45 7.78
C SER B 228 4.54 -19.32 7.65
N PRO B 229 5.74 -19.52 8.23
CA PRO B 229 6.93 -18.72 7.92
C PRO B 229 7.35 -18.54 6.44
N GLU B 230 8.16 -17.50 6.18
CA GLU B 230 8.33 -16.93 4.84
C GLU B 230 8.81 -17.81 3.67
N GLU B 231 8.69 -17.26 2.46
CA GLU B 231 9.08 -17.95 1.22
C GLU B 231 9.85 -17.03 0.27
N ALA B 234 11.10 -16.73 -3.19
CA ALA B 234 10.73 -17.37 -4.46
C ALA B 234 9.23 -17.68 -4.52
N VAL B 235 8.62 -17.49 -5.69
CA VAL B 235 7.15 -17.55 -5.83
C VAL B 235 6.65 -18.82 -6.54
N ASP B 236 5.73 -19.53 -5.90
CA ASP B 236 5.07 -20.70 -6.48
C ASP B 236 3.63 -20.82 -5.99
N LEU B 237 2.69 -20.43 -6.84
CA LEU B 237 1.28 -20.35 -6.43
C LEU B 237 0.50 -21.65 -6.58
N ASP B 238 0.86 -22.47 -7.57
CA ASP B 238 0.07 -23.66 -7.89
C ASP B 238 -0.08 -24.64 -6.71
N ALA B 239 0.99 -24.87 -5.98
CA ALA B 239 0.94 -25.73 -4.80
C ALA B 239 -0.08 -25.25 -3.75
N HIS B 240 -0.09 -23.94 -3.50
CA HIS B 240 -1.01 -23.39 -2.52
C HIS B 240 -2.48 -23.48 -2.98
N LYS B 241 -2.71 -23.32 -4.27
CA LYS B 241 -4.05 -23.38 -4.81
C LYS B 241 -4.61 -24.77 -4.67
N ARG B 242 -3.82 -25.75 -4.97
CA ARG B 242 -4.22 -27.14 -4.84
C ARG B 242 -4.50 -27.50 -3.37
N ALA B 243 -3.69 -26.97 -2.46
CA ALA B 243 -3.91 -27.24 -1.05
C ALA B 243 -5.20 -26.59 -0.56
N TYR B 244 -5.46 -25.37 -1.04
CA TYR B 244 -6.69 -24.66 -0.69
C TYR B 244 -7.91 -25.43 -1.16
N VAL B 245 -7.90 -25.81 -2.44
CA VAL B 245 -9.02 -26.52 -3.05
C VAL B 245 -9.29 -27.86 -2.39
N ALA B 246 -8.22 -28.52 -1.94
CA ALA B 246 -8.32 -29.79 -1.25
C ALA B 246 -9.03 -29.61 0.10
N GLU B 247 -8.80 -28.47 0.72
CA GLU B 247 -9.37 -28.19 2.03
C GLU B 247 -10.78 -27.59 1.95
N ALA B 248 -10.98 -26.59 1.09
CA ALA B 248 -12.28 -25.92 1.01
C ALA B 248 -13.25 -26.57 0.05
N GLY B 249 -12.73 -27.43 -0.83
CA GLY B 249 -13.56 -28.02 -1.86
C GLY B 249 -13.47 -27.27 -3.18
N SER B 250 -13.49 -28.01 -4.28
CA SER B 250 -13.50 -27.41 -5.62
C SER B 250 -14.80 -26.63 -5.87
N SER B 251 -15.92 -27.22 -5.50
CA SER B 251 -17.23 -26.59 -5.66
C SER B 251 -17.34 -25.22 -4.96
N PHE B 252 -16.97 -25.17 -3.69
CA PHE B 252 -16.96 -23.91 -2.94
C PHE B 252 -16.02 -22.85 -3.53
N SER B 253 -14.81 -23.26 -3.88
CA SER B 253 -13.80 -22.33 -4.40
C SER B 253 -14.23 -21.69 -5.72
N VAL B 254 -14.68 -22.51 -6.66
CA VAL B 254 -15.12 -22.02 -7.96
C VAL B 254 -16.34 -21.10 -7.81
N ALA B 255 -17.24 -21.46 -6.90
CA ALA B 255 -18.47 -20.68 -6.70
C ALA B 255 -18.21 -19.32 -6.07
N ARG B 256 -17.33 -19.27 -5.05
CA ARG B 256 -17.01 -17.98 -4.43
C ARG B 256 -16.29 -17.08 -5.42
N VAL B 257 -15.42 -17.69 -6.24
CA VAL B 257 -14.70 -16.92 -7.23
C VAL B 257 -15.65 -16.39 -8.30
N SER B 258 -16.54 -17.24 -8.79
CA SER B 258 -17.55 -16.81 -9.77
C SER B 258 -18.43 -15.69 -9.23
N ALA B 259 -18.89 -15.83 -7.99
CA ALA B 259 -19.81 -14.88 -7.37
C ALA B 259 -19.18 -13.49 -7.28
N GLY B 260 -17.94 -13.44 -6.79
CA GLY B 260 -17.25 -12.17 -6.63
C GLY B 260 -17.13 -11.45 -7.97
N GLN B 261 -16.77 -12.20 -9.01
CA GLN B 261 -16.60 -11.62 -10.34
C GLN B 261 -17.94 -11.03 -10.81
N GLU B 262 -18.99 -11.82 -10.68
CA GLU B 262 -20.34 -11.41 -11.06
C GLU B 262 -20.83 -10.16 -10.30
N GLU B 263 -20.52 -10.09 -9.00
CA GLU B 263 -20.93 -8.93 -8.20
C GLU B 263 -20.23 -7.65 -8.70
N ALA B 264 -18.95 -7.77 -9.02
CA ALA B 264 -18.21 -6.61 -9.51
C ALA B 264 -18.78 -6.12 -10.84
N LEU B 265 -18.99 -7.05 -11.78
CA LEU B 265 -19.52 -6.71 -13.11
C LEU B 265 -20.87 -6.03 -13.00
N THR B 266 -21.77 -6.72 -12.32
CA THR B 266 -23.15 -6.28 -12.19
C THR B 266 -23.25 -4.94 -11.46
N GLY B 267 -22.43 -4.78 -10.42
CA GLY B 267 -22.43 -3.55 -9.65
C GLY B 267 -21.97 -2.37 -10.48
N ALA B 268 -20.93 -2.59 -11.27
CA ALA B 268 -20.39 -1.52 -12.11
C ALA B 268 -21.37 -1.10 -13.20
N LEU B 269 -21.90 -2.07 -13.94
CA LEU B 269 -22.88 -1.78 -14.98
C LEU B 269 -24.09 -1.03 -14.43
N GLU B 270 -24.66 -1.55 -13.34
CA GLU B 270 -25.84 -0.93 -12.77
C GLU B 270 -25.59 0.50 -12.28
N ALA B 271 -24.44 0.76 -11.65
CA ALA B 271 -24.11 2.11 -11.18
C ALA B 271 -23.87 3.08 -12.34
N ALA B 272 -23.64 2.53 -13.53
CA ALA B 272 -23.39 3.34 -14.73
C ALA B 272 -24.61 3.36 -15.63
N GLY B 273 -25.70 2.72 -15.20
CA GLY B 273 -26.92 2.70 -15.99
C GLY B 273 -26.79 1.98 -17.32
N ALA B 274 -25.85 1.03 -17.39
CA ALA B 274 -25.60 0.29 -18.62
C ALA B 274 -25.80 -1.21 -18.42
N GLY B 275 -25.93 -1.92 -19.55
CA GLY B 275 -25.82 -3.36 -19.54
C GLY B 275 -24.59 -3.69 -20.38
N LEU B 276 -24.15 -4.94 -20.32
CA LEU B 276 -23.00 -5.40 -21.09
C LEU B 276 -23.15 -5.14 -22.60
N ASP B 277 -24.40 -5.12 -23.08
CA ASP B 277 -24.66 -4.82 -24.48
C ASP B 277 -24.37 -3.36 -24.85
N ASP B 278 -24.29 -2.50 -23.83
CA ASP B 278 -24.02 -1.07 -24.03
C ASP B 278 -22.51 -0.73 -24.06
N ILE B 279 -21.68 -1.73 -23.72
CA ILE B 279 -20.23 -1.56 -23.69
C ILE B 279 -19.60 -1.83 -25.07
N SER B 280 -18.78 -0.90 -25.54
CA SER B 280 -18.08 -1.08 -26.82
C SER B 280 -16.84 -1.96 -26.71
N ARG B 281 -16.07 -1.75 -25.64
CA ARG B 281 -14.85 -2.52 -25.45
C ARG B 281 -14.69 -2.94 -24.00
N VAL B 282 -14.22 -4.17 -23.80
CA VAL B 282 -13.98 -4.67 -22.46
C VAL B 282 -12.47 -4.78 -22.24
N VAL B 283 -11.97 -4.09 -21.22
CA VAL B 283 -10.55 -4.19 -20.88
C VAL B 283 -10.40 -5.33 -19.86
N LEU B 284 -9.88 -6.46 -20.32
CA LEU B 284 -9.72 -7.65 -19.46
C LEU B 284 -8.31 -7.74 -18.90
N PRO B 285 -8.14 -8.51 -17.82
CA PRO B 285 -6.78 -8.83 -17.37
C PRO B 285 -5.94 -9.48 -18.50
N HIS B 286 -4.62 -9.27 -18.48
CA HIS B 286 -3.76 -9.89 -19.46
C HIS B 286 -3.34 -11.29 -19.00
N MET B 287 -4.33 -12.17 -18.88
CA MET B 287 -4.09 -13.57 -18.52
C MET B 287 -4.06 -14.43 -19.77
N GLY B 288 -3.66 -15.69 -19.61
CA GLY B 288 -3.64 -16.60 -20.75
C GLY B 288 -5.04 -16.92 -21.28
N TRP B 289 -5.08 -17.48 -22.49
CA TRP B 289 -6.32 -17.81 -23.16
C TRP B 289 -7.24 -18.71 -22.32
N ARG B 290 -6.68 -19.77 -21.77
CA ARG B 290 -7.46 -20.72 -20.98
C ARG B 290 -8.18 -20.03 -19.83
N ARG B 291 -7.48 -19.13 -19.14
CA ARG B 291 -8.08 -18.41 -18.02
C ARG B 291 -9.11 -17.38 -18.43
N LEU B 292 -8.89 -16.71 -19.56
CA LEU B 292 -9.84 -15.70 -20.01
C LEU B 292 -11.10 -16.34 -20.59
N SER B 293 -10.94 -17.52 -21.21
CA SER B 293 -12.08 -18.29 -21.69
C SER B 293 -12.96 -18.76 -20.56
N ALA B 294 -12.35 -19.33 -19.53
CA ALA B 294 -13.12 -19.86 -18.41
C ALA B 294 -13.78 -18.73 -17.62
N ALA B 295 -13.05 -17.64 -17.41
CA ALA B 295 -13.56 -16.49 -16.63
C ALA B 295 -14.53 -15.56 -17.37
N TYR B 296 -14.28 -15.30 -18.66
CA TYR B 296 -15.01 -14.24 -19.34
C TYR B 296 -15.72 -14.63 -20.65
N PHE B 297 -14.95 -15.13 -21.62
CA PHE B 297 -15.46 -15.50 -22.94
C PHE B 297 -16.57 -16.55 -22.93
N ASN B 298 -16.36 -17.67 -22.23
CA ASN B 298 -17.36 -18.74 -22.18
C ASN B 298 -18.38 -18.55 -21.06
N LYS B 299 -18.18 -17.55 -20.22
CA LYS B 299 -19.06 -17.28 -19.09
C LYS B 299 -20.02 -16.13 -19.39
N TRP B 300 -19.47 -15.04 -19.94
CA TRP B 300 -20.24 -13.85 -20.34
C TRP B 300 -20.67 -13.94 -21.80
N HIS B 301 -20.11 -14.91 -22.52
CA HIS B 301 -20.38 -15.08 -23.94
C HIS B 301 -20.12 -13.81 -24.76
N ILE B 302 -18.95 -13.21 -24.57
CA ILE B 302 -18.52 -12.09 -25.42
C ILE B 302 -17.40 -12.53 -26.33
N GLN B 303 -17.23 -11.83 -27.45
CA GLN B 303 -16.19 -12.17 -28.39
C GLN B 303 -14.88 -11.48 -28.00
N PRO B 304 -13.75 -12.18 -28.20
CA PRO B 304 -12.43 -11.63 -27.91
C PRO B 304 -12.16 -10.34 -28.68
N GLU B 305 -12.75 -10.18 -29.86
CA GLU B 305 -12.59 -8.96 -30.65
C GLU B 305 -13.16 -7.74 -29.95
N ARG B 306 -14.01 -7.96 -28.96
CA ARG B 306 -14.57 -6.86 -28.18
C ARG B 306 -13.71 -6.53 -26.96
N THR B 307 -12.61 -7.25 -26.80
CA THR B 307 -11.74 -7.08 -25.63
C THR B 307 -10.34 -6.61 -26.03
N THR B 308 -9.42 -6.58 -25.07
CA THR B 308 -8.04 -6.21 -25.31
C THR B 308 -7.17 -7.45 -25.39
N TRP B 309 -7.82 -8.58 -25.68
CA TRP B 309 -7.13 -9.85 -25.80
C TRP B 309 -5.87 -9.75 -26.68
N GLU B 310 -6.03 -9.29 -27.91
CA GLU B 310 -4.87 -9.19 -28.80
C GLU B 310 -3.77 -8.29 -28.24
N PHE B 311 -4.13 -7.21 -27.55
CA PHE B 311 -3.12 -6.33 -26.96
C PHE B 311 -2.45 -6.99 -25.74
N GLY B 312 -3.27 -7.66 -24.93
CA GLY B 312 -2.76 -8.31 -23.73
C GLY B 312 -1.82 -9.46 -24.01
N ARG B 313 -2.14 -10.25 -25.03
CA ARG B 313 -1.34 -11.42 -25.37
C ARG B 313 0.03 -11.04 -25.97
N ARG B 314 0.23 -9.76 -26.27
CA ARG B 314 1.51 -9.30 -26.79
C ARG B 314 2.26 -8.51 -25.70
N THR B 315 1.60 -8.31 -24.57
CA THR B 315 2.10 -7.44 -23.52
C THR B 315 2.45 -8.23 -22.27
N GLY B 316 1.53 -9.08 -21.83
CA GLY B 316 1.70 -9.83 -20.59
C GLY B 316 1.10 -9.08 -19.41
N HIS B 317 1.05 -9.74 -18.26
CA HIS B 317 0.35 -9.21 -17.09
C HIS B 317 1.20 -8.17 -16.36
N LEU B 318 0.70 -6.94 -16.24
CA LEU B 318 1.51 -5.84 -15.67
C LEU B 318 1.12 -5.55 -14.24
N GLY B 319 1.03 -6.58 -13.41
CA GLY B 319 0.64 -6.41 -12.03
C GLY B 319 -0.75 -5.83 -11.95
N GLY B 320 -0.89 -4.71 -11.24
CA GLY B 320 -2.20 -4.09 -11.13
C GLY B 320 -2.42 -3.02 -12.19
N GLY B 321 -1.56 -2.99 -13.20
CA GLY B 321 -1.65 -1.94 -14.19
C GLY B 321 -2.35 -2.31 -15.49
N ASP B 322 -2.83 -3.56 -15.59
CA ASP B 322 -3.48 -4.01 -16.83
C ASP B 322 -4.65 -3.10 -17.28
N PRO B 323 -5.59 -2.79 -16.37
CA PRO B 323 -6.70 -1.99 -16.89
C PRO B 323 -6.27 -0.61 -17.36
N ILE B 324 -5.18 -0.10 -16.80
CA ILE B 324 -4.62 1.18 -17.26
C ILE B 324 -3.93 1.03 -18.63
N ALA B 325 -3.07 0.03 -18.77
CA ALA B 325 -2.43 -0.26 -20.05
C ALA B 325 -3.47 -0.49 -21.13
N GLY B 326 -4.48 -1.30 -20.81
CA GLY B 326 -5.53 -1.64 -21.76
C GLY B 326 -6.38 -0.46 -22.19
N PHE B 327 -6.75 0.38 -21.24
CA PHE B 327 -7.48 1.60 -21.56
C PHE B 327 -6.65 2.52 -22.45
N ASP B 328 -5.39 2.70 -22.06
CA ASP B 328 -4.49 3.59 -22.78
C ASP B 328 -4.33 3.11 -24.22
N HIS B 329 -4.28 1.80 -24.40
CA HIS B 329 -4.19 1.20 -25.72
C HIS B 329 -5.42 1.49 -26.58
N LEU B 330 -6.61 1.24 -26.02
CA LEU B 330 -7.85 1.47 -26.76
C LEU B 330 -7.98 2.93 -27.19
N VAL B 331 -7.69 3.84 -26.27
CA VAL B 331 -7.82 5.25 -26.58
C VAL B 331 -6.71 5.72 -27.53
N GLY B 332 -5.47 5.36 -27.21
CA GLY B 332 -4.34 5.76 -28.04
C GLY B 332 -4.42 5.30 -29.49
N SER B 333 -4.96 4.10 -29.72
CA SER B 333 -5.07 3.56 -31.09
C SER B 333 -6.40 3.93 -31.76
N GLY B 334 -7.23 4.71 -31.08
CA GLY B 334 -8.49 5.15 -31.67
C GLY B 334 -9.56 4.08 -31.82
N ARG B 335 -9.42 2.96 -31.12
CA ARG B 335 -10.39 1.88 -31.14
C ARG B 335 -11.59 2.13 -30.22
N LEU B 336 -11.53 3.22 -29.45
CA LEU B 336 -12.64 3.65 -28.62
C LEU B 336 -13.06 5.03 -29.11
N ALA B 337 -14.37 5.22 -29.30
CA ALA B 337 -14.89 6.43 -29.93
C ALA B 337 -15.68 7.29 -28.96
N PRO B 338 -15.69 8.62 -29.17
CA PRO B 338 -16.45 9.50 -28.30
C PRO B 338 -17.89 9.02 -28.15
N GLY B 339 -18.39 9.01 -26.92
CA GLY B 339 -19.73 8.53 -26.67
C GLY B 339 -19.74 7.09 -26.19
N GLU B 340 -18.69 6.35 -26.52
CA GLU B 340 -18.68 4.92 -26.21
C GLU B 340 -18.30 4.60 -24.77
N LEU B 341 -18.89 3.53 -24.24
CA LEU B 341 -18.59 3.07 -22.90
C LEU B 341 -17.54 1.98 -22.96
N CYS B 342 -16.65 2.02 -21.99
CA CYS B 342 -15.58 1.06 -21.87
C CYS B 342 -15.67 0.35 -20.52
N LEU B 343 -15.55 -0.97 -20.50
CA LEU B 343 -15.63 -1.70 -19.22
C LEU B 343 -14.26 -2.23 -18.80
N LEU B 344 -13.74 -1.72 -17.69
CA LEU B 344 -12.49 -2.22 -17.14
C LEU B 344 -12.77 -3.37 -16.19
N VAL B 345 -12.02 -4.45 -16.34
CA VAL B 345 -12.20 -5.62 -15.49
C VAL B 345 -10.86 -6.02 -14.85
N SER B 346 -10.83 -6.07 -13.53
CA SER B 346 -9.60 -6.39 -12.81
C SER B 346 -9.90 -7.35 -11.64
N VAL B 347 -8.97 -8.24 -11.34
CA VAL B 347 -9.14 -9.18 -10.24
C VAL B 347 -7.77 -9.43 -9.61
N GLY B 348 -7.72 -9.63 -8.30
CA GLY B 348 -6.46 -9.95 -7.65
C GLY B 348 -6.66 -11.02 -6.59
N ALA B 349 -5.60 -11.75 -6.30
CA ALA B 349 -5.60 -12.68 -5.17
C ALA B 349 -6.11 -11.98 -3.91
N GLY B 350 -6.78 -12.74 -3.03
CA GLY B 350 -7.43 -12.11 -1.89
C GLY B 350 -8.74 -12.72 -1.45
N PHE B 351 -9.77 -12.75 -2.31
CA PHE B 351 -9.74 -12.10 -3.63
C PHE B 351 -10.29 -10.69 -3.55
N SER B 352 -9.92 -9.89 -4.55
CA SER B 352 -10.57 -8.61 -4.78
C SER B 352 -10.87 -8.43 -6.27
N TRP B 353 -12.07 -7.95 -6.58
CA TRP B 353 -12.42 -7.64 -7.95
C TRP B 353 -12.82 -6.19 -8.02
N SER B 354 -12.43 -5.52 -9.10
CA SER B 354 -12.96 -4.22 -9.39
C SER B 354 -13.41 -4.15 -10.84
N CYS B 355 -14.48 -3.42 -11.06
CA CYS B 355 -14.93 -3.10 -12.40
C CYS B 355 -15.25 -1.62 -12.45
N ALA B 356 -14.96 -1.01 -13.60
CA ALA B 356 -15.34 0.38 -13.82
C ALA B 356 -15.94 0.52 -15.21
N VAL B 357 -16.91 1.41 -15.33
CA VAL B 357 -17.42 1.80 -16.64
C VAL B 357 -16.92 3.21 -16.91
N VAL B 358 -16.22 3.36 -18.03
CA VAL B 358 -15.64 4.64 -18.44
C VAL B 358 -16.20 5.07 -19.78
N GLU B 359 -16.66 6.32 -19.86
CA GLU B 359 -17.19 6.87 -21.11
C GLU B 359 -16.17 7.81 -21.75
N LEU B 360 -15.86 7.60 -23.03
CA LEU B 360 -14.97 8.52 -23.73
C LEU B 360 -15.76 9.74 -24.14
N LEU B 361 -15.24 10.91 -23.79
CA LEU B 361 -15.90 12.17 -24.10
C LEU B 361 -15.39 12.73 -25.42
N GLU B 362 -14.08 12.69 -25.63
CA GLU B 362 -13.47 13.14 -26.87
C GLU B 362 -12.15 12.42 -27.15
N ARG B 363 -11.76 12.34 -28.41
CA ARG B 363 -10.42 11.85 -28.72
C ARG B 363 -9.42 12.86 -28.21
N PRO B 364 -8.47 12.40 -27.40
CA PRO B 364 -7.38 13.27 -26.94
C PRO B 364 -6.32 13.46 -28.04
N SER B 365 -5.55 14.54 -27.97
CA SER B 365 -4.64 14.88 -29.07
C SER B 365 -3.51 13.88 -29.32
N TRP B 366 -3.15 13.10 -28.30
CA TRP B 366 -2.08 12.11 -28.44
C TRP B 366 -2.55 10.83 -29.10
N ALA B 367 -3.84 10.75 -29.42
CA ALA B 367 -4.44 9.53 -29.96
C ALA B 367 -4.58 9.58 -31.49
N ALA B 368 -4.49 8.43 -32.14
CA ALA B 368 -4.74 8.35 -33.59
C ALA B 368 -6.23 8.19 -33.88
N ALA B 369 -6.61 8.30 -35.15
CA ALA B 369 -8.00 8.12 -35.57
C ALA B 369 -8.35 6.65 -35.77
#